data_1FL3
#
_entry.id   1FL3
#
_cell.length_a   196.930
_cell.length_b   62.069
_cell.length_c   93.539
_cell.angle_alpha   90.00
_cell.angle_beta   117.54
_cell.angle_gamma   90.00
#
_symmetry.space_group_name_H-M   'C 1 2 1'
#
loop_
_entity.id
_entity.type
_entity.pdbx_description
1 polymer 'BLUE FLUORESCENT ANTIBODY (19G2)-HEAVY CHAIN'
2 polymer 'BLUE FLUORESCENT ANTIBODY (19G2)-LIGHT CHAIN'
3 non-polymer '4-(4-STYRYL-PHENYLCARBAMOYL)-BUTYRIC ACID'
4 water water
#
loop_
_entity_poly.entity_id
_entity_poly.type
_entity_poly.pdbx_seq_one_letter_code
_entity_poly.pdbx_strand_id
1 'polypeptide(L)'
;AALLESGGGLVKPGGSLKLSCTASGITFSRYIMSWVRQIPEKRLEWVASISSGGITYYPDSVAGRFTISRDNVRNILYLQ
MSSLRSEDTALYYCARGQGRPYWGQGTSVTVSAAKTTPPSVYPAAPGCGDTTGSSVTLGCLVKGYFPEPVTVTWNSGGSS
VHTFPALLQSGLYTMSSSVTVPSSTWPSTVTCSVAHPASSTTVDKKLE
;
H,A
2 'polypeptide(L)'
;AALTQSPVSNPVTLGTSASISCRSTKSLLHSNGITYLYWYLQKPGQSPQLLIYQMSNLASGVPNRFSSSGSGTDFTLRIN
TVEAEDVGVYYCAQNLELPPTFGAGTKLELKRADAAPTVSIFPPSSEQLTSGGASVVCFLNNFYPKDINVKWKIDGSERQ
NGVLNSWTDQDSKDSTYSMSSTLTLTKDEYERHNGYTCEATHKTSTSPIVKSFN
;
L,B
#
loop_
_chem_comp.id
_chem_comp.type
_chem_comp.name
_chem_comp.formula
SPB non-polymer '4-(4-STYRYL-PHENYLCARBAMOYL)-BUTYRIC ACID' 'C19 H19 N O3'
#
# COMPACT_ATOMS: atom_id res chain seq x y z
N ALA A 1 -42.73 -11.08 53.46
CA ALA A 1 -42.89 -11.53 52.04
C ALA A 1 -41.65 -11.25 51.19
N ALA A 2 -40.92 -12.31 50.84
CA ALA A 2 -39.71 -12.19 50.03
C ALA A 2 -39.52 -13.40 49.12
N LEU A 3 -38.90 -13.16 47.97
CA LEU A 3 -38.59 -14.22 47.01
C LEU A 3 -37.08 -14.29 46.97
N LEU A 4 -36.54 -15.49 46.91
CA LEU A 4 -35.09 -15.65 46.87
C LEU A 4 -34.64 -16.60 45.78
N GLU A 5 -33.93 -16.07 44.78
CA GLU A 5 -33.43 -16.89 43.68
C GLU A 5 -32.12 -17.52 44.11
N SER A 6 -31.83 -18.69 43.57
CA SER A 6 -30.61 -19.40 43.91
C SER A 6 -30.13 -20.29 42.77
N GLY A 7 -28.81 -20.51 42.68
CA GLY A 7 -28.29 -21.40 41.66
C GLY A 7 -27.41 -20.90 40.52
N GLY A 8 -27.39 -19.61 40.25
CA GLY A 8 -26.57 -19.10 39.16
C GLY A 8 -25.09 -19.35 39.33
N GLY A 9 -24.30 -18.86 38.38
CA GLY A 9 -22.85 -19.03 38.44
C GLY A 9 -22.27 -19.19 37.05
N LEU A 10 -20.97 -19.53 36.97
CA LEU A 10 -20.31 -19.72 35.67
C LEU A 10 -20.65 -21.10 35.11
N VAL A 11 -20.82 -21.15 33.79
CA VAL A 11 -21.14 -22.39 33.09
C VAL A 11 -20.69 -22.23 31.64
N LYS A 12 -20.09 -23.27 31.07
CA LYS A 12 -19.62 -23.20 29.70
C LYS A 12 -20.72 -23.50 28.70
N PRO A 13 -20.61 -22.93 27.48
CA PRO A 13 -21.59 -23.13 26.42
C PRO A 13 -21.95 -24.61 26.28
N GLY A 14 -23.24 -24.87 26.07
CA GLY A 14 -23.71 -26.23 25.94
C GLY A 14 -24.04 -26.86 27.29
N GLY A 15 -23.52 -26.29 28.36
CA GLY A 15 -23.80 -26.84 29.69
C GLY A 15 -25.23 -26.69 30.17
N SER A 16 -25.49 -27.17 31.38
CA SER A 16 -26.83 -27.06 31.95
C SER A 16 -26.76 -26.51 33.37
N LEU A 17 -27.83 -25.84 33.79
CA LEU A 17 -27.88 -25.25 35.13
C LEU A 17 -29.31 -25.32 35.65
N LYS A 18 -29.44 -25.41 36.98
CA LYS A 18 -30.77 -25.50 37.58
C LYS A 18 -30.93 -24.43 38.66
N LEU A 19 -31.82 -23.47 38.41
CA LEU A 19 -32.09 -22.39 39.36
C LEU A 19 -33.28 -22.73 40.24
N SER A 20 -33.25 -22.26 41.48
CA SER A 20 -34.34 -22.50 42.40
C SER A 20 -34.84 -21.19 42.98
N CYS A 21 -36.08 -21.20 43.45
CA CYS A 21 -36.70 -20.02 44.02
C CYS A 21 -37.58 -20.40 45.19
N THR A 22 -37.26 -19.87 46.36
CA THR A 22 -38.03 -20.13 47.56
C THR A 22 -38.67 -18.80 47.98
N ALA A 23 -39.69 -18.88 48.82
CA ALA A 23 -40.35 -17.66 49.25
C ALA A 23 -40.90 -17.75 50.66
N SER A 24 -41.13 -16.57 51.23
CA SER A 24 -41.68 -16.47 52.56
C SER A 24 -42.92 -15.60 52.39
N GLY A 25 -44.09 -16.13 52.73
CA GLY A 25 -45.31 -15.35 52.63
C GLY A 25 -46.08 -15.44 51.32
N ILE A 26 -45.56 -16.23 50.40
CA ILE A 26 -46.19 -16.41 49.11
C ILE A 26 -46.31 -17.89 48.83
N THR A 27 -47.52 -18.32 48.49
CA THR A 27 -47.78 -19.73 48.20
C THR A 27 -47.83 -19.97 46.71
N PHE A 28 -46.69 -20.38 46.15
CA PHE A 28 -46.52 -20.65 44.72
C PHE A 28 -47.64 -21.39 44.01
N SER A 29 -48.19 -22.42 44.65
CA SER A 29 -49.25 -23.23 44.03
C SER A 29 -50.50 -22.45 43.65
N ARG A 30 -50.68 -21.27 44.23
CA ARG A 30 -51.86 -20.45 43.96
C ARG A 30 -51.76 -19.51 42.76
N TYR A 31 -50.57 -19.33 42.21
CA TYR A 31 -50.43 -18.38 41.11
C TYR A 31 -49.67 -18.85 39.88
N ILE A 32 -49.64 -17.95 38.91
CA ILE A 32 -48.91 -18.12 37.68
C ILE A 32 -47.54 -17.60 38.11
N MET A 33 -46.59 -18.48 38.32
CA MET A 33 -45.26 -18.06 38.71
C MET A 33 -44.41 -17.89 37.45
N SER A 34 -43.45 -16.97 37.49
CA SER A 34 -42.64 -16.73 36.31
C SER A 34 -41.18 -16.52 36.58
N TRP A 35 -40.41 -16.64 35.50
CA TRP A 35 -38.99 -16.39 35.48
C TRP A 35 -38.82 -15.33 34.38
N VAL A 36 -38.01 -14.31 34.62
CA VAL A 36 -37.76 -13.29 33.62
C VAL A 36 -36.27 -13.02 33.76
N ARG A 37 -35.64 -12.50 32.72
CA ARG A 37 -34.23 -12.22 32.82
C ARG A 37 -33.88 -10.84 32.28
N GLN A 38 -32.83 -10.26 32.85
CA GLN A 38 -32.35 -8.95 32.46
C GLN A 38 -31.01 -9.08 31.75
N ILE A 39 -31.01 -8.86 30.44
CA ILE A 39 -29.79 -8.92 29.65
C ILE A 39 -29.08 -7.59 29.88
N PRO A 40 -27.75 -7.58 29.83
CA PRO A 40 -26.96 -6.35 30.04
C PRO A 40 -27.56 -5.09 29.43
N GLU A 41 -28.22 -5.23 28.28
CA GLU A 41 -28.84 -4.09 27.60
C GLU A 41 -29.83 -3.39 28.53
N LYS A 42 -30.25 -4.12 29.57
CA LYS A 42 -31.17 -3.65 30.61
C LYS A 42 -32.67 -3.85 30.41
N ARG A 43 -33.10 -4.43 29.28
CA ARG A 43 -34.53 -4.64 29.10
C ARG A 43 -34.94 -6.04 29.58
N LEU A 44 -36.06 -6.11 30.30
CA LEU A 44 -36.56 -7.38 30.83
C LEU A 44 -37.08 -8.27 29.74
N GLU A 45 -36.77 -9.55 29.88
CA GLU A 45 -37.18 -10.55 28.92
C GLU A 45 -37.89 -11.70 29.62
N TRP A 46 -39.07 -12.07 29.13
CA TRP A 46 -39.81 -13.18 29.72
C TRP A 46 -39.13 -14.49 29.37
N VAL A 47 -39.00 -15.38 30.36
CA VAL A 47 -38.37 -16.68 30.16
C VAL A 47 -39.35 -17.86 30.24
N ALA A 48 -40.22 -17.84 31.26
CA ALA A 48 -41.19 -18.93 31.46
C ALA A 48 -42.23 -18.63 32.54
N SER A 49 -43.36 -19.33 32.45
CA SER A 49 -44.42 -19.19 33.43
C SER A 49 -45.14 -20.52 33.59
N ILE A 50 -45.66 -20.76 34.79
CA ILE A 50 -46.41 -21.96 35.08
C ILE A 50 -47.65 -21.51 35.85
N SER A 51 -48.82 -21.97 35.44
CA SER A 51 -50.06 -21.55 36.09
C SER A 51 -50.31 -22.35 37.36
N SER A 52 -51.35 -22.00 38.10
CA SER A 52 -51.63 -22.76 39.31
C SER A 52 -52.07 -24.14 38.86
N GLY A 53 -52.58 -24.21 37.63
CA GLY A 53 -53.02 -25.47 37.06
C GLY A 53 -51.89 -26.37 36.59
N GLY A 54 -50.67 -25.83 36.53
CA GLY A 54 -49.52 -26.62 36.12
C GLY A 54 -49.18 -26.52 34.63
N ILE A 55 -49.91 -25.69 33.90
CA ILE A 55 -49.67 -25.48 32.48
C ILE A 55 -48.44 -24.60 32.32
N THR A 56 -47.45 -25.07 31.57
CA THR A 56 -46.22 -24.32 31.35
C THR A 56 -46.26 -23.50 30.07
N TYR A 57 -45.50 -22.40 30.06
CA TYR A 57 -45.43 -21.48 28.92
C TYR A 57 -44.01 -21.04 28.69
N TYR A 58 -43.64 -20.89 27.42
CA TYR A 58 -42.29 -20.50 27.08
C TYR A 58 -42.31 -19.76 25.77
N PRO A 59 -41.39 -18.80 25.61
CA PRO A 59 -41.31 -18.05 24.35
C PRO A 59 -40.40 -18.94 23.49
N ASP A 60 -40.45 -18.76 22.17
CA ASP A 60 -39.62 -19.57 21.26
C ASP A 60 -38.14 -19.67 21.62
N SER A 61 -37.55 -18.57 22.05
CA SER A 61 -36.14 -18.52 22.40
C SER A 61 -35.64 -19.57 23.40
N VAL A 62 -36.55 -20.23 24.12
CA VAL A 62 -36.12 -21.23 25.10
C VAL A 62 -37.00 -22.47 25.07
N ALA A 63 -38.05 -22.41 24.25
CA ALA A 63 -39.03 -23.49 24.10
C ALA A 63 -38.63 -24.90 24.53
N GLY A 64 -37.52 -25.42 24.00
CA GLY A 64 -37.15 -26.77 24.38
C GLY A 64 -35.87 -26.96 25.15
N ARG A 65 -35.25 -25.88 25.61
CA ARG A 65 -34.00 -25.99 26.35
C ARG A 65 -34.20 -25.74 27.84
N PHE A 66 -35.22 -24.95 28.17
CA PHE A 66 -35.53 -24.62 29.56
C PHE A 66 -36.81 -25.26 29.99
N THR A 67 -36.85 -25.68 31.25
CA THR A 67 -38.04 -26.30 31.81
C THR A 67 -38.41 -25.65 33.15
N ILE A 68 -39.62 -25.15 33.27
CA ILE A 68 -40.05 -24.55 34.52
C ILE A 68 -40.91 -25.56 35.28
N SER A 69 -40.65 -25.73 36.56
CA SER A 69 -41.44 -26.67 37.33
C SER A 69 -41.63 -26.17 38.76
N ARG A 70 -42.65 -26.68 39.42
CA ARG A 70 -42.97 -26.29 40.78
C ARG A 70 -43.14 -27.48 41.71
N ASP A 71 -42.67 -27.30 42.95
CA ASP A 71 -42.79 -28.33 43.98
C ASP A 71 -43.82 -27.76 44.96
N ASN A 72 -45.08 -28.13 44.79
CA ASN A 72 -46.16 -27.63 45.63
C ASN A 72 -46.08 -27.96 47.11
N VAL A 73 -45.32 -29.00 47.46
CA VAL A 73 -45.20 -29.39 48.86
C VAL A 73 -44.20 -28.51 49.58
N ARG A 74 -42.97 -28.47 49.06
CA ARG A 74 -41.92 -27.66 49.67
C ARG A 74 -41.98 -26.19 49.27
N ASN A 75 -42.82 -25.88 48.29
CA ASN A 75 -42.99 -24.51 47.80
C ASN A 75 -41.71 -23.97 47.19
N ILE A 76 -41.25 -24.62 46.12
CA ILE A 76 -40.03 -24.23 45.43
C ILE A 76 -40.30 -24.12 43.94
N LEU A 77 -39.76 -23.07 43.32
CA LEU A 77 -39.94 -22.86 41.88
C LEU A 77 -38.63 -23.27 41.24
N TYR A 78 -38.70 -23.93 40.09
CA TYR A 78 -37.49 -24.39 39.42
C TYR A 78 -37.37 -23.96 37.98
N LEU A 79 -36.14 -23.78 37.53
CA LEU A 79 -35.85 -23.43 36.16
C LEU A 79 -34.64 -24.28 35.75
N GLN A 80 -34.89 -25.37 35.04
CA GLN A 80 -33.84 -26.25 34.55
C GLN A 80 -33.42 -25.70 33.19
N MET A 81 -32.17 -25.29 33.07
CA MET A 81 -31.66 -24.75 31.82
C MET A 81 -30.68 -25.75 31.20
N SER A 82 -30.84 -26.00 29.91
CA SER A 82 -29.97 -26.93 29.18
C SER A 82 -29.50 -26.31 27.90
N SER A 83 -28.41 -26.85 27.34
CA SER A 83 -27.86 -26.36 26.09
C SER A 83 -27.71 -24.85 26.21
N LEU A 84 -27.06 -24.41 27.28
CA LEU A 84 -26.89 -23.00 27.51
C LEU A 84 -26.04 -22.33 26.44
N ARG A 85 -26.51 -21.17 25.99
CA ARG A 85 -25.81 -20.40 24.99
C ARG A 85 -25.34 -19.11 25.65
N SER A 86 -24.26 -18.54 25.14
CA SER A 86 -23.73 -17.30 25.72
C SER A 86 -24.80 -16.22 25.78
N GLU A 87 -25.77 -16.27 24.88
CA GLU A 87 -26.84 -15.28 24.83
C GLU A 87 -27.82 -15.41 25.99
N ASP A 88 -27.70 -16.51 26.75
CA ASP A 88 -28.57 -16.74 27.90
C ASP A 88 -27.99 -16.10 29.14
N THR A 89 -26.82 -15.47 28.98
CA THR A 89 -26.15 -14.80 30.09
C THR A 89 -27.01 -13.62 30.59
N ALA A 90 -27.37 -13.65 31.87
CA ALA A 90 -28.23 -12.61 32.43
C ALA A 90 -28.48 -12.78 33.91
N LEU A 91 -29.27 -11.86 34.46
CA LEU A 91 -29.66 -11.92 35.86
C LEU A 91 -31.03 -12.58 35.76
N TYR A 92 -31.23 -13.69 36.44
CA TYR A 92 -32.52 -14.34 36.37
C TYR A 92 -33.38 -14.08 37.58
N TYR A 93 -34.58 -13.57 37.34
CA TYR A 93 -35.51 -13.24 38.42
C TYR A 93 -36.68 -14.20 38.49
N CYS A 94 -37.06 -14.45 39.73
CA CYS A 94 -38.19 -15.29 40.05
C CYS A 94 -39.30 -14.28 40.34
N ALA A 95 -40.52 -14.50 39.87
CA ALA A 95 -41.56 -13.51 40.14
C ALA A 95 -43.01 -13.96 40.16
N ARG A 96 -43.81 -13.30 40.98
CA ARG A 96 -45.25 -13.55 41.12
C ARG A 96 -45.83 -12.28 40.47
N GLY A 97 -46.16 -12.38 39.19
CA GLY A 97 -46.64 -11.22 38.45
C GLY A 97 -48.09 -10.79 38.56
N GLN A 98 -48.97 -11.64 39.08
CA GLN A 98 -50.39 -11.29 39.19
C GLN A 98 -50.62 -10.26 40.31
N GLY A 99 -51.61 -9.40 40.11
CA GLY A 99 -51.95 -8.40 41.10
C GLY A 99 -50.82 -7.45 41.46
N ARG A 100 -50.30 -7.61 42.68
CA ARG A 100 -49.19 -6.80 43.14
C ARG A 100 -47.95 -7.61 42.80
N PRO A 101 -47.19 -7.19 41.79
CA PRO A 101 -45.97 -7.90 41.40
C PRO A 101 -44.93 -8.04 42.50
N TYR A 102 -44.25 -9.19 42.51
CA TYR A 102 -43.19 -9.48 43.46
C TYR A 102 -42.09 -10.19 42.69
N TRP A 103 -40.84 -9.84 42.98
CA TRP A 103 -39.70 -10.47 42.34
C TRP A 103 -38.55 -10.43 43.35
N GLY A 104 -37.57 -11.32 43.18
CA GLY A 104 -36.45 -11.38 44.11
C GLY A 104 -35.28 -10.49 43.73
N GLN A 105 -34.13 -10.72 44.35
CA GLN A 105 -32.94 -9.92 44.07
C GLN A 105 -32.26 -10.36 42.78
N GLY A 106 -32.55 -11.58 42.34
CA GLY A 106 -31.97 -12.08 41.12
C GLY A 106 -30.67 -12.83 41.35
N THR A 107 -30.38 -13.76 40.44
CA THR A 107 -29.19 -14.57 40.50
C THR A 107 -28.56 -14.50 39.10
N SER A 108 -27.24 -14.28 39.05
CA SER A 108 -26.51 -14.11 37.77
C SER A 108 -26.01 -15.40 37.11
N VAL A 109 -26.35 -15.55 35.84
CA VAL A 109 -25.93 -16.71 35.06
C VAL A 109 -24.98 -16.25 33.96
N THR A 110 -23.78 -16.82 33.95
CA THR A 110 -22.78 -16.48 32.95
C THR A 110 -22.36 -17.69 32.13
N VAL A 111 -22.72 -17.69 30.85
CA VAL A 111 -22.37 -18.78 29.95
C VAL A 111 -21.11 -18.34 29.20
N SER A 112 -19.96 -18.79 29.67
CA SER A 112 -18.70 -18.39 29.08
C SER A 112 -17.64 -19.49 29.08
N ALA A 113 -16.62 -19.32 28.26
CA ALA A 113 -15.53 -20.28 28.17
C ALA A 113 -14.39 -19.78 29.05
N ALA A 114 -14.19 -18.47 29.07
CA ALA A 114 -13.15 -17.84 29.87
C ALA A 114 -13.17 -18.37 31.29
N LYS A 115 -12.03 -18.27 31.98
CA LYS A 115 -11.94 -18.77 33.34
C LYS A 115 -11.84 -17.67 34.40
N THR A 116 -12.48 -17.91 35.53
CA THR A 116 -12.47 -16.97 36.66
C THR A 116 -11.07 -16.43 36.92
N THR A 117 -10.97 -15.12 37.15
CA THR A 117 -9.68 -14.52 37.48
C THR A 117 -9.87 -13.45 38.55
N PRO A 118 -9.15 -13.58 39.67
CA PRO A 118 -9.30 -12.58 40.74
C PRO A 118 -8.78 -11.23 40.26
N PRO A 119 -9.26 -10.13 40.85
CA PRO A 119 -8.83 -8.78 40.48
C PRO A 119 -7.50 -8.34 41.09
N SER A 120 -6.80 -7.47 40.36
CA SER A 120 -5.53 -6.91 40.85
C SER A 120 -5.90 -5.49 41.25
N VAL A 121 -5.53 -5.11 42.46
CA VAL A 121 -5.84 -3.77 42.97
C VAL A 121 -4.60 -2.90 43.13
N TYR A 122 -4.66 -1.70 42.56
CA TYR A 122 -3.55 -0.75 42.61
C TYR A 122 -4.02 0.55 43.24
N PRO A 123 -3.38 0.98 44.33
CA PRO A 123 -3.79 2.22 44.97
C PRO A 123 -3.45 3.43 44.10
N ALA A 124 -4.45 4.27 43.85
CA ALA A 124 -4.25 5.46 43.06
C ALA A 124 -4.18 6.67 44.00
N ALA A 125 -2.96 7.15 44.23
CA ALA A 125 -2.72 8.29 45.10
C ALA A 125 -1.89 9.33 44.35
N PRO A 126 -1.89 10.59 44.81
CA PRO A 126 -1.13 11.64 44.16
C PRO A 126 0.39 11.41 44.15
N GLY A 127 1.05 11.76 45.26
CA GLY A 127 2.50 11.57 45.35
C GLY A 127 3.22 12.91 45.43
N CYS A 128 4.12 13.16 44.47
CA CYS A 128 4.88 14.41 44.45
C CYS A 128 4.92 15.00 43.05
N GLY A 129 4.42 16.23 42.92
CA GLY A 129 4.41 16.89 41.63
C GLY A 129 3.09 17.56 41.26
N ASP A 130 2.13 17.55 42.17
CA ASP A 130 0.83 18.16 41.89
C ASP A 130 0.13 18.78 43.12
N THR A 131 -1.05 19.35 42.87
CA THR A 131 -1.85 20.00 43.91
C THR A 131 -2.26 19.08 45.06
N THR A 132 -2.01 19.52 46.29
CA THR A 132 -2.35 18.76 47.48
C THR A 132 -2.92 19.68 48.56
N GLY A 133 -4.24 19.85 48.56
CA GLY A 133 -4.87 20.72 49.54
C GLY A 133 -6.21 20.23 50.05
N SER A 134 -7.04 21.16 50.51
CA SER A 134 -8.37 20.83 51.03
C SER A 134 -9.11 19.88 50.09
N SER A 135 -9.49 18.72 50.63
CA SER A 135 -10.21 17.71 49.85
C SER A 135 -9.35 17.12 48.74
N VAL A 136 -8.68 16.03 49.05
CA VAL A 136 -7.83 15.35 48.08
C VAL A 136 -8.57 14.11 47.55
N THR A 137 -8.45 13.86 46.25
CA THR A 137 -9.11 12.71 45.64
C THR A 137 -8.21 11.48 45.57
N LEU A 138 -8.61 10.41 46.26
CA LEU A 138 -7.87 9.16 46.28
C LEU A 138 -8.67 8.12 45.50
N GLY A 139 -8.05 6.99 45.17
CA GLY A 139 -8.77 5.97 44.44
C GLY A 139 -8.07 4.63 44.33
N CYS A 140 -8.81 3.63 43.85
CA CYS A 140 -8.29 2.29 43.67
C CYS A 140 -8.61 1.79 42.27
N LEU A 141 -7.61 1.23 41.60
CA LEU A 141 -7.78 0.69 40.26
C LEU A 141 -7.86 -0.83 40.35
N VAL A 142 -8.98 -1.38 39.91
CA VAL A 142 -9.21 -2.82 39.93
C VAL A 142 -9.02 -3.30 38.50
N LYS A 143 -8.06 -4.18 38.28
CA LYS A 143 -7.77 -4.63 36.92
C LYS A 143 -7.65 -6.15 36.75
N GLY A 144 -7.88 -6.60 35.52
CA GLY A 144 -7.75 -8.00 35.17
C GLY A 144 -8.58 -9.11 35.81
N TYR A 145 -9.81 -8.82 36.21
CA TYR A 145 -10.67 -9.86 36.79
C TYR A 145 -11.75 -10.18 35.76
N PHE A 146 -12.18 -11.43 35.68
CA PHE A 146 -13.20 -11.74 34.69
C PHE A 146 -14.64 -11.62 35.16
N PRO A 147 -15.19 -12.67 35.82
CA PRO A 147 -16.58 -12.49 36.24
C PRO A 147 -16.77 -11.06 36.77
N GLU A 148 -17.46 -10.25 35.98
CA GLU A 148 -17.70 -8.83 36.26
C GLU A 148 -18.17 -8.40 37.64
N PRO A 149 -19.04 -9.18 38.29
CA PRO A 149 -19.49 -8.74 39.62
C PRO A 149 -18.36 -8.55 40.64
N VAL A 150 -18.10 -7.30 41.00
CA VAL A 150 -17.07 -6.96 41.97
C VAL A 150 -17.63 -5.81 42.82
N THR A 151 -17.22 -5.73 44.07
CA THR A 151 -17.74 -4.68 44.96
C THR A 151 -16.62 -3.87 45.61
N VAL A 152 -16.69 -2.55 45.46
CA VAL A 152 -15.70 -1.67 46.06
C VAL A 152 -16.32 -0.94 47.23
N THR A 153 -15.65 -0.96 48.37
CA THR A 153 -16.15 -0.31 49.58
C THR A 153 -15.02 0.46 50.23
N TRP A 154 -15.30 1.67 50.70
CA TRP A 154 -14.28 2.49 51.36
C TRP A 154 -14.56 2.60 52.85
N ASN A 155 -13.69 2.04 53.67
CA ASN A 155 -13.83 2.07 55.13
C ASN A 155 -15.29 1.96 55.58
N SER A 156 -16.10 1.26 54.79
CA SER A 156 -17.53 1.09 55.06
C SER A 156 -18.17 2.36 55.62
N GLY A 157 -17.73 3.50 55.11
CA GLY A 157 -18.26 4.78 55.54
C GLY A 157 -17.78 5.92 54.67
N GLY A 158 -18.60 6.32 53.70
CA GLY A 158 -18.22 7.40 52.81
C GLY A 158 -19.20 7.56 51.67
N SER A 159 -19.58 8.80 51.38
CA SER A 159 -20.52 9.09 50.31
C SER A 159 -19.84 9.81 49.14
N SER A 160 -18.71 10.45 49.43
CA SER A 160 -17.96 11.16 48.40
C SER A 160 -17.31 10.16 47.44
N VAL A 161 -17.98 9.02 47.28
CA VAL A 161 -17.50 7.95 46.42
C VAL A 161 -18.01 8.00 44.99
N HIS A 162 -17.17 7.56 44.07
CA HIS A 162 -17.50 7.53 42.65
C HIS A 162 -16.96 6.26 42.03
N THR A 163 -17.84 5.29 41.80
CA THR A 163 -17.44 4.03 41.19
C THR A 163 -17.91 4.03 39.74
N PHE A 164 -16.94 3.95 38.83
CA PHE A 164 -17.23 3.95 37.40
C PHE A 164 -17.53 2.58 36.86
N PRO A 165 -18.38 2.50 35.81
CA PRO A 165 -18.75 1.23 35.19
C PRO A 165 -17.52 0.46 34.76
N ALA A 166 -17.54 -0.86 34.94
CA ALA A 166 -16.41 -1.70 34.54
C ALA A 166 -16.35 -1.80 33.03
N LEU A 167 -15.16 -1.64 32.48
CA LEU A 167 -14.96 -1.72 31.04
C LEU A 167 -14.19 -2.99 30.73
N LEU A 168 -14.52 -3.64 29.62
CA LEU A 168 -13.84 -4.86 29.25
C LEU A 168 -12.61 -4.53 28.42
N GLN A 169 -11.51 -5.19 28.70
CA GLN A 169 -10.27 -4.95 28.00
C GLN A 169 -9.45 -6.24 27.91
N SER A 170 -9.27 -6.73 26.69
CA SER A 170 -8.52 -7.95 26.46
C SER A 170 -9.19 -9.15 27.11
N GLY A 171 -10.52 -9.17 27.08
CA GLY A 171 -11.25 -10.27 27.67
C GLY A 171 -11.34 -10.20 29.19
N LEU A 172 -10.75 -9.17 29.78
CA LEU A 172 -10.78 -9.00 31.22
C LEU A 172 -11.31 -7.62 31.62
N TYR A 173 -12.11 -7.60 32.68
CA TYR A 173 -12.71 -6.38 33.20
C TYR A 173 -11.79 -5.52 34.05
N THR A 174 -11.95 -4.21 33.91
CA THR A 174 -11.17 -3.23 34.65
C THR A 174 -12.07 -2.06 35.00
N MET A 175 -11.93 -1.55 36.22
CA MET A 175 -12.72 -0.41 36.66
C MET A 175 -11.96 0.34 37.75
N SER A 176 -12.43 1.54 38.06
CA SER A 176 -11.79 2.34 39.09
C SER A 176 -12.84 2.96 39.99
N SER A 177 -12.42 3.40 41.18
CA SER A 177 -13.31 4.02 42.13
C SER A 177 -12.53 5.12 42.83
N SER A 178 -13.14 6.30 42.95
CA SER A 178 -12.48 7.41 43.62
C SER A 178 -13.28 7.93 44.82
N VAL A 179 -12.56 8.56 45.74
CA VAL A 179 -13.19 9.11 46.93
C VAL A 179 -12.47 10.41 47.29
N THR A 180 -13.23 11.39 47.76
CA THR A 180 -12.64 12.67 48.12
C THR A 180 -12.90 12.98 49.58
N VAL A 181 -11.85 13.43 50.27
CA VAL A 181 -11.92 13.78 51.68
C VAL A 181 -11.02 14.98 51.95
N PRO A 182 -11.37 15.80 52.94
CA PRO A 182 -10.59 16.99 53.31
C PRO A 182 -9.17 16.65 53.73
N SER A 183 -8.19 17.33 53.11
CA SER A 183 -6.78 17.10 53.41
C SER A 183 -6.51 17.13 54.90
N SER A 184 -7.38 17.82 55.64
CA SER A 184 -7.27 17.95 57.08
C SER A 184 -7.59 16.63 57.78
N THR A 185 -7.44 15.52 57.07
CA THR A 185 -7.72 14.21 57.65
C THR A 185 -7.10 13.04 56.90
N TRP A 186 -6.12 13.32 56.04
CA TRP A 186 -5.49 12.23 55.30
C TRP A 186 -4.82 11.27 56.30
N PRO A 187 -4.13 11.82 57.31
CA PRO A 187 -3.47 10.96 58.31
C PRO A 187 -4.51 10.31 59.22
N SER A 188 -5.37 9.49 58.62
CA SER A 188 -6.42 8.77 59.33
C SER A 188 -6.64 7.45 58.61
N THR A 189 -5.74 7.15 57.67
CA THR A 189 -5.77 5.93 56.87
C THR A 189 -7.03 5.73 56.03
N VAL A 190 -6.83 5.67 54.72
CA VAL A 190 -7.91 5.47 53.77
C VAL A 190 -7.79 4.06 53.21
N THR A 191 -8.86 3.29 53.31
CA THR A 191 -8.84 1.91 52.83
C THR A 191 -9.97 1.59 51.86
N CYS A 192 -9.62 0.92 50.75
CA CYS A 192 -10.61 0.52 49.77
C CYS A 192 -10.66 -1.01 49.80
N SER A 193 -11.87 -1.56 49.85
CA SER A 193 -12.05 -3.01 49.91
C SER A 193 -12.72 -3.53 48.63
N VAL A 194 -11.98 -4.31 47.86
CA VAL A 194 -12.50 -4.88 46.62
C VAL A 194 -12.90 -6.34 46.83
N ALA A 195 -14.19 -6.62 46.73
CA ALA A 195 -14.71 -7.98 46.91
C ALA A 195 -15.17 -8.56 45.57
N HIS A 196 -14.69 -9.76 45.26
CA HIS A 196 -15.00 -10.46 44.02
C HIS A 196 -15.41 -11.90 44.33
N PRO A 197 -16.66 -12.10 44.78
CA PRO A 197 -17.24 -13.40 45.13
C PRO A 197 -16.92 -14.58 44.22
N ALA A 198 -16.94 -14.36 42.91
CA ALA A 198 -16.66 -15.43 41.96
C ALA A 198 -15.26 -16.02 42.13
N SER A 199 -14.54 -15.54 43.15
CA SER A 199 -13.20 -16.02 43.44
C SER A 199 -13.00 -16.07 44.95
N SER A 200 -14.06 -15.71 45.68
CA SER A 200 -14.04 -15.69 47.14
C SER A 200 -12.97 -14.75 47.64
N THR A 201 -12.30 -14.10 46.70
CA THR A 201 -11.25 -13.16 47.03
C THR A 201 -11.83 -11.81 47.44
N THR A 202 -11.02 -11.03 48.15
CA THR A 202 -11.43 -9.71 48.60
C THR A 202 -10.20 -8.99 49.14
N VAL A 203 -9.63 -8.14 48.29
CA VAL A 203 -8.42 -7.40 48.63
C VAL A 203 -8.68 -6.04 49.26
N ASP A 204 -7.81 -5.67 50.20
CA ASP A 204 -7.90 -4.40 50.89
C ASP A 204 -6.58 -3.63 50.71
N LYS A 205 -6.70 -2.33 50.52
CA LYS A 205 -5.55 -1.47 50.35
C LYS A 205 -5.66 -0.23 51.22
N LYS A 206 -4.54 0.11 51.86
CA LYS A 206 -4.46 1.29 52.70
C LYS A 206 -3.73 2.27 51.79
N LEU A 207 -4.39 3.36 51.42
CA LEU A 207 -3.74 4.34 50.55
C LEU A 207 -2.64 5.01 51.34
N GLU A 208 -1.44 5.05 50.76
CA GLU A 208 -0.28 5.65 51.41
C GLU A 208 0.09 4.90 52.69
N ALA B 1 -49.21 -7.60 23.56
CA ALA B 1 -49.48 -6.22 24.04
C ALA B 1 -48.16 -5.46 24.17
N ALA B 2 -47.98 -4.43 23.35
CA ALA B 2 -46.75 -3.64 23.40
C ALA B 2 -46.91 -2.33 24.19
N LEU B 3 -45.89 -2.02 24.98
CA LEU B 3 -45.90 -0.83 25.81
C LEU B 3 -44.81 0.11 25.28
N THR B 4 -45.15 1.38 25.07
CA THR B 4 -44.14 2.30 24.55
C THR B 4 -44.01 3.59 25.34
N GLN B 5 -42.77 3.94 25.66
CA GLN B 5 -42.43 5.16 26.41
C GLN B 5 -41.29 5.83 25.66
N SER B 6 -41.13 7.14 25.83
CA SER B 6 -40.00 7.82 25.19
C SER B 6 -38.80 7.37 26.02
N PRO B 7 -37.59 7.43 25.44
CA PRO B 7 -36.37 7.02 26.15
C PRO B 7 -35.82 8.01 27.18
N VAL B 8 -36.22 9.27 27.04
CA VAL B 8 -35.77 10.31 27.96
C VAL B 8 -36.84 11.40 28.13
N SER B 9 -36.83 12.06 29.28
CA SER B 9 -37.78 13.11 29.54
C SER B 9 -37.07 14.42 29.26
N ASN B 10 -37.82 15.51 29.25
CA ASN B 10 -37.19 16.81 29.07
C ASN B 10 -36.50 17.01 30.41
N PRO B 11 -35.34 17.69 30.42
CA PRO B 11 -34.64 17.92 31.69
C PRO B 11 -35.60 18.53 32.71
N VAL B 12 -35.44 18.17 33.99
CA VAL B 12 -36.35 18.70 34.99
C VAL B 12 -35.63 19.45 36.09
N THR B 13 -36.23 20.52 36.55
CA THR B 13 -35.66 21.33 37.62
C THR B 13 -36.09 20.76 38.98
N LEU B 14 -35.15 20.68 39.91
CA LEU B 14 -35.46 20.19 41.24
C LEU B 14 -36.61 21.00 41.81
N GLY B 15 -37.53 20.32 42.49
CA GLY B 15 -38.66 21.00 43.08
C GLY B 15 -39.87 21.14 42.16
N THR B 16 -39.66 21.02 40.86
CA THR B 16 -40.78 21.12 39.92
C THR B 16 -41.34 19.72 39.67
N SER B 17 -42.46 19.61 38.96
CA SER B 17 -43.02 18.30 38.70
C SER B 17 -42.59 17.67 37.37
N ALA B 18 -42.58 16.35 37.32
CA ALA B 18 -42.18 15.64 36.12
C ALA B 18 -43.31 14.75 35.63
N SER B 19 -43.37 14.57 34.31
CA SER B 19 -44.38 13.74 33.68
C SER B 19 -43.73 12.71 32.76
N ILE B 20 -44.12 11.45 32.94
CA ILE B 20 -43.59 10.35 32.13
C ILE B 20 -44.77 9.61 31.52
N SER B 21 -44.88 9.68 30.20
CA SER B 21 -45.97 9.01 29.48
C SER B 21 -45.69 7.55 29.12
N CYS B 22 -46.76 6.83 28.79
CA CYS B 22 -46.67 5.44 28.41
C CYS B 22 -48.00 5.07 27.77
N ARG B 23 -47.97 4.12 26.84
CA ARG B 23 -49.21 3.66 26.21
C ARG B 23 -49.14 2.19 25.85
N SER B 24 -50.30 1.56 25.71
CA SER B 24 -50.37 0.15 25.35
C SER B 24 -51.20 -0.04 24.07
N THR B 25 -50.87 -1.06 23.31
CA THR B 25 -51.61 -1.32 22.08
C THR B 25 -52.99 -1.90 22.38
N LYS B 26 -53.20 -2.31 23.62
CA LYS B 26 -54.49 -2.87 24.02
C LYS B 26 -54.91 -2.31 25.40
N SER B 27 -56.22 -2.19 25.61
CA SER B 27 -56.68 -1.69 26.90
C SER B 27 -56.21 -2.65 27.99
N LEU B 28 -55.82 -2.08 29.13
CA LEU B 28 -55.34 -2.84 30.27
C LEU B 28 -56.44 -2.91 31.32
N LEU B 29 -57.59 -2.34 30.98
CA LEU B 29 -58.75 -2.34 31.86
C LEU B 29 -59.46 -3.68 31.71
N HIS B 30 -59.62 -4.37 32.85
CA HIS B 30 -60.26 -5.68 32.89
C HIS B 30 -61.73 -5.57 33.33
N SER B 31 -62.54 -6.55 32.93
CA SER B 31 -63.98 -6.56 33.25
C SER B 31 -64.27 -6.41 34.74
N ASN B 32 -63.26 -6.53 35.57
CA ASN B 32 -63.45 -6.38 37.01
C ASN B 32 -63.20 -4.95 37.46
N GLY B 33 -62.96 -4.05 36.51
CA GLY B 33 -62.73 -2.66 36.84
C GLY B 33 -61.30 -2.29 37.21
N ILE B 34 -60.41 -3.25 37.27
CA ILE B 34 -59.02 -2.95 37.60
C ILE B 34 -58.22 -2.79 36.32
N THR B 35 -57.22 -1.92 36.38
CA THR B 35 -56.35 -1.66 35.24
C THR B 35 -54.96 -2.21 35.58
N TYR B 36 -54.57 -3.27 34.88
CA TYR B 36 -53.31 -3.92 35.17
C TYR B 36 -52.04 -3.33 34.58
N LEU B 37 -51.73 -2.11 35.04
CA LEU B 37 -50.54 -1.37 34.64
C LEU B 37 -49.76 -1.18 35.92
N TYR B 38 -48.45 -1.42 35.90
CA TYR B 38 -47.65 -1.18 37.08
C TYR B 38 -46.40 -0.43 36.64
N TRP B 39 -45.78 0.33 37.57
CA TRP B 39 -44.57 1.09 37.28
C TRP B 39 -43.46 0.70 38.24
N TYR B 40 -42.23 0.78 37.77
CA TYR B 40 -41.10 0.46 38.62
C TYR B 40 -39.90 1.28 38.19
N LEU B 41 -38.97 1.41 39.11
CA LEU B 41 -37.78 2.20 38.91
C LEU B 41 -36.54 1.32 38.90
N GLN B 42 -35.58 1.71 38.06
CA GLN B 42 -34.33 1.01 37.94
C GLN B 42 -33.25 2.04 38.21
N LYS B 43 -32.54 1.91 39.32
CA LYS B 43 -31.47 2.85 39.65
C LYS B 43 -30.17 2.13 39.26
N PRO B 44 -29.07 2.88 39.12
CA PRO B 44 -27.78 2.27 38.75
C PRO B 44 -27.31 1.21 39.75
N GLY B 45 -27.00 0.03 39.25
CA GLY B 45 -26.52 -1.04 40.11
C GLY B 45 -27.47 -1.40 41.24
N GLN B 46 -28.73 -1.61 40.89
CA GLN B 46 -29.74 -1.97 41.87
C GLN B 46 -30.85 -2.78 41.24
N SER B 47 -31.61 -3.47 42.07
CA SER B 47 -32.73 -4.26 41.58
C SER B 47 -33.93 -3.35 41.34
N PRO B 48 -34.75 -3.68 40.34
CA PRO B 48 -35.93 -2.85 40.05
C PRO B 48 -36.77 -2.71 41.32
N GLN B 49 -37.37 -1.54 41.48
CA GLN B 49 -38.19 -1.26 42.65
C GLN B 49 -39.60 -0.94 42.18
N LEU B 50 -40.58 -1.64 42.73
CA LEU B 50 -41.97 -1.42 42.36
C LEU B 50 -42.39 -0.05 42.92
N LEU B 51 -43.13 0.70 42.12
CA LEU B 51 -43.60 2.03 42.53
C LEU B 51 -45.10 2.05 42.63
N ILE B 52 -45.76 1.61 41.57
CA ILE B 52 -47.19 1.62 41.55
C ILE B 52 -47.74 0.39 40.86
N TYR B 53 -48.87 -0.11 41.35
CA TYR B 53 -49.48 -1.28 40.73
C TYR B 53 -50.97 -1.10 40.63
N GLN B 54 -51.58 -1.88 39.76
CA GLN B 54 -52.99 -1.79 39.52
C GLN B 54 -53.34 -0.32 39.32
N MET B 55 -52.45 0.32 38.57
CA MET B 55 -52.53 1.71 38.15
C MET B 55 -52.48 2.82 39.18
N SER B 56 -53.17 2.66 40.30
CA SER B 56 -53.20 3.72 41.29
C SER B 56 -52.80 3.35 42.70
N ASN B 57 -52.15 2.21 42.88
CA ASN B 57 -51.72 1.82 44.23
C ASN B 57 -50.23 1.99 44.40
N LEU B 58 -49.83 2.55 45.54
CA LEU B 58 -48.43 2.76 45.81
C LEU B 58 -47.86 1.53 46.47
N ALA B 59 -46.66 1.13 46.07
CA ALA B 59 -46.03 -0.03 46.68
C ALA B 59 -45.64 0.44 48.09
N SER B 60 -44.87 -0.37 48.79
CA SER B 60 -44.46 -0.02 50.14
C SER B 60 -43.19 0.84 50.12
N GLY B 61 -43.19 1.89 50.94
CA GLY B 61 -42.05 2.78 51.03
C GLY B 61 -42.04 3.88 50.00
N VAL B 62 -43.02 3.88 49.11
CA VAL B 62 -43.09 4.88 48.06
C VAL B 62 -43.84 6.14 48.50
N PRO B 63 -43.15 7.28 48.54
CA PRO B 63 -43.74 8.57 48.95
C PRO B 63 -44.88 8.96 48.03
N ASN B 64 -45.79 9.79 48.55
CA ASN B 64 -46.94 10.22 47.78
C ASN B 64 -46.68 11.31 46.74
N ARG B 65 -45.42 11.58 46.46
CA ARG B 65 -45.04 12.53 45.41
C ARG B 65 -45.31 11.83 44.05
N PHE B 66 -45.43 10.50 44.10
CA PHE B 66 -45.67 9.69 42.93
C PHE B 66 -47.16 9.42 42.77
N SER B 67 -47.65 9.46 41.54
CA SER B 67 -49.04 9.15 41.25
C SER B 67 -49.16 8.75 39.78
N SER B 68 -50.19 7.97 39.45
CA SER B 68 -50.38 7.54 38.09
C SER B 68 -51.81 7.76 37.68
N SER B 69 -52.02 8.34 36.51
CA SER B 69 -53.36 8.60 35.99
C SER B 69 -53.47 8.15 34.53
N GLY B 70 -54.69 8.13 34.00
CA GLY B 70 -54.86 7.72 32.63
C GLY B 70 -56.07 6.86 32.32
N SER B 71 -56.19 6.49 31.05
CA SER B 71 -57.29 5.66 30.58
C SER B 71 -56.86 4.21 30.57
N GLY B 72 -57.43 3.42 29.66
CA GLY B 72 -57.06 2.03 29.55
C GLY B 72 -55.88 1.83 28.62
N THR B 73 -55.57 2.84 27.81
CA THR B 73 -54.45 2.73 26.85
C THR B 73 -53.36 3.78 27.01
N ASP B 74 -53.66 4.89 27.67
CA ASP B 74 -52.69 5.99 27.85
C ASP B 74 -52.47 6.35 29.31
N PHE B 75 -51.21 6.36 29.73
CA PHE B 75 -50.92 6.64 31.11
C PHE B 75 -49.80 7.63 31.35
N THR B 76 -49.87 8.29 32.50
CA THR B 76 -48.84 9.24 32.86
C THR B 76 -48.39 8.93 34.26
N LEU B 77 -47.09 8.98 34.48
CA LEU B 77 -46.55 8.78 35.81
C LEU B 77 -46.22 10.21 36.20
N ARG B 78 -46.75 10.66 37.33
CA ARG B 78 -46.53 12.03 37.79
C ARG B 78 -45.60 12.03 38.97
N ILE B 79 -44.66 12.96 38.98
CA ILE B 79 -43.75 13.09 40.10
C ILE B 79 -43.79 14.55 40.55
N ASN B 80 -44.38 14.77 41.72
CA ASN B 80 -44.47 16.09 42.29
C ASN B 80 -43.13 16.37 42.92
N THR B 81 -42.73 17.64 42.94
CA THR B 81 -41.48 18.01 43.59
C THR B 81 -40.37 17.00 43.36
N VAL B 82 -39.76 17.02 42.18
CA VAL B 82 -38.68 16.11 41.87
C VAL B 82 -37.53 16.32 42.83
N GLU B 83 -36.93 15.23 43.30
CA GLU B 83 -35.78 15.30 44.20
C GLU B 83 -34.63 14.62 43.50
N ALA B 84 -33.41 14.98 43.91
CA ALA B 84 -32.20 14.44 43.31
C ALA B 84 -32.13 12.90 43.28
N GLU B 85 -32.59 12.24 44.34
CA GLU B 85 -32.56 10.79 44.40
C GLU B 85 -33.53 10.15 43.42
N ASP B 86 -34.40 10.96 42.81
CA ASP B 86 -35.36 10.42 41.86
C ASP B 86 -34.77 10.00 40.49
N VAL B 87 -33.52 10.37 40.22
CA VAL B 87 -32.90 9.99 38.96
C VAL B 87 -32.85 8.47 38.79
N GLY B 88 -33.06 8.04 37.54
CA GLY B 88 -33.06 6.62 37.24
C GLY B 88 -33.96 6.40 36.04
N VAL B 89 -34.24 5.13 35.72
CA VAL B 89 -35.10 4.83 34.59
C VAL B 89 -36.46 4.31 35.07
N TYR B 90 -37.52 4.87 34.52
CA TYR B 90 -38.90 4.51 34.86
C TYR B 90 -39.59 3.65 33.79
N TYR B 91 -40.07 2.49 34.24
CA TYR B 91 -40.74 1.57 33.33
C TYR B 91 -42.18 1.34 33.66
N CYS B 92 -43.00 1.30 32.61
CA CYS B 92 -44.40 0.97 32.77
C CYS B 92 -44.38 -0.47 32.23
N ALA B 93 -45.38 -1.26 32.58
CA ALA B 93 -45.45 -2.64 32.13
C ALA B 93 -46.86 -3.08 32.44
N GLN B 94 -47.24 -4.24 31.92
CA GLN B 94 -48.60 -4.74 32.15
C GLN B 94 -48.63 -6.15 32.71
N ASN B 95 -49.63 -6.44 33.52
CA ASN B 95 -49.75 -7.78 34.05
C ASN B 95 -51.19 -8.22 33.91
N LEU B 96 -51.73 -7.95 32.73
CA LEU B 96 -53.10 -8.34 32.40
C LEU B 96 -53.09 -9.74 31.79
N GLU B 97 -52.19 -9.97 30.83
CA GLU B 97 -52.10 -11.24 30.11
C GLU B 97 -50.74 -11.89 30.17
N LEU B 98 -50.76 -13.22 30.24
CA LEU B 98 -49.54 -14.01 30.36
C LEU B 98 -48.26 -13.60 29.68
N PRO B 99 -48.23 -13.47 28.34
CA PRO B 99 -46.92 -13.07 27.79
C PRO B 99 -46.58 -11.66 28.34
N PRO B 100 -45.87 -11.60 29.49
CA PRO B 100 -45.54 -10.28 30.07
C PRO B 100 -44.66 -9.41 29.23
N THR B 101 -45.10 -8.16 29.04
CA THR B 101 -44.33 -7.22 28.27
C THR B 101 -44.02 -5.99 29.09
N PHE B 102 -42.90 -5.35 28.75
CA PHE B 102 -42.41 -4.17 29.45
C PHE B 102 -42.10 -3.03 28.50
N GLY B 103 -42.29 -1.80 28.97
CA GLY B 103 -41.95 -0.64 28.15
C GLY B 103 -40.44 -0.58 28.08
N ALA B 104 -39.91 0.36 27.31
CA ALA B 104 -38.46 0.46 27.17
C ALA B 104 -37.77 1.27 28.25
N GLY B 105 -38.54 1.99 29.05
CA GLY B 105 -37.95 2.81 30.11
C GLY B 105 -37.75 4.26 29.69
N THR B 106 -38.03 5.18 30.62
CA THR B 106 -37.87 6.60 30.38
C THR B 106 -36.88 7.12 31.40
N LYS B 107 -35.75 7.63 30.94
CA LYS B 107 -34.76 8.15 31.87
C LYS B 107 -35.11 9.57 32.35
N LEU B 108 -35.09 9.80 33.65
CA LEU B 108 -35.44 11.14 34.16
C LEU B 108 -34.17 11.99 34.21
N GLU B 109 -34.19 13.07 33.45
CA GLU B 109 -33.07 14.01 33.35
C GLU B 109 -33.19 15.14 34.37
N LEU B 110 -32.14 15.29 35.17
CA LEU B 110 -32.08 16.32 36.20
C LEU B 110 -31.34 17.57 35.72
N LYS B 111 -32.04 18.70 35.64
CA LYS B 111 -31.44 19.96 35.20
C LYS B 111 -30.89 20.74 36.42
N ARG B 112 -29.63 21.15 36.36
CA ARG B 112 -29.03 21.90 37.46
C ARG B 112 -28.08 22.97 36.91
N ALA B 113 -27.38 23.65 37.82
CA ALA B 113 -26.46 24.69 37.41
C ALA B 113 -25.18 24.10 36.84
N ASP B 114 -24.62 24.74 35.82
CA ASP B 114 -23.39 24.28 35.21
C ASP B 114 -22.31 24.12 36.28
N ALA B 115 -21.45 23.12 36.13
CA ALA B 115 -20.40 22.85 37.09
C ALA B 115 -19.11 22.42 36.40
N ALA B 116 -17.98 22.88 36.95
CA ALA B 116 -16.67 22.55 36.40
C ALA B 116 -16.16 21.26 37.02
N PRO B 117 -15.58 20.38 36.19
CA PRO B 117 -15.06 19.11 36.68
C PRO B 117 -13.80 19.27 37.50
N THR B 118 -13.72 18.56 38.62
CA THR B 118 -12.54 18.59 39.49
C THR B 118 -11.59 17.52 38.97
N VAL B 119 -10.63 17.92 38.15
CA VAL B 119 -9.68 16.98 37.58
C VAL B 119 -8.54 16.66 38.53
N SER B 120 -8.01 15.44 38.42
CA SER B 120 -6.89 14.98 39.22
C SER B 120 -6.31 13.77 38.51
N ILE B 121 -4.99 13.75 38.36
CA ILE B 121 -4.31 12.66 37.67
C ILE B 121 -3.44 11.90 38.65
N PHE B 122 -3.13 10.66 38.31
CA PHE B 122 -2.30 9.81 39.17
C PHE B 122 -1.31 9.02 38.31
N PRO B 123 -0.08 8.86 38.81
CA PRO B 123 0.95 8.11 38.07
C PRO B 123 0.79 6.62 38.35
N PRO B 124 1.31 5.76 37.46
CA PRO B 124 1.18 4.32 37.71
C PRO B 124 1.80 3.98 39.06
N SER B 125 1.14 3.15 39.84
CA SER B 125 1.67 2.77 41.15
C SER B 125 2.84 1.83 40.94
N SER B 126 3.77 1.82 41.88
CA SER B 126 4.94 0.96 41.80
C SER B 126 4.50 -0.49 41.59
N GLU B 127 3.57 -0.93 42.42
CA GLU B 127 3.04 -2.29 42.35
C GLU B 127 2.64 -2.65 40.92
N GLN B 128 2.08 -1.68 40.20
CA GLN B 128 1.66 -1.94 38.83
C GLN B 128 2.88 -2.10 37.93
N LEU B 129 3.77 -1.12 37.94
CA LEU B 129 4.96 -1.17 37.11
C LEU B 129 5.71 -2.46 37.35
N THR B 130 5.78 -2.88 38.62
CA THR B 130 6.46 -4.10 39.00
C THR B 130 6.06 -5.26 38.10
N SER B 131 4.78 -5.61 38.14
CA SER B 131 4.26 -6.71 37.34
C SER B 131 4.25 -6.39 35.85
N GLY B 132 5.08 -5.43 35.46
CA GLY B 132 5.16 -5.04 34.06
C GLY B 132 3.83 -4.52 33.53
N GLY B 133 3.74 -3.21 33.33
CA GLY B 133 2.52 -2.61 32.85
C GLY B 133 2.26 -1.30 33.55
N ALA B 134 1.87 -0.28 32.78
CA ALA B 134 1.61 1.02 33.36
C ALA B 134 0.35 1.67 32.80
N SER B 135 -0.52 2.11 33.69
CA SER B 135 -1.73 2.77 33.25
C SER B 135 -1.82 4.08 34.02
N VAL B 136 -2.05 5.17 33.31
CA VAL B 136 -2.16 6.47 33.95
C VAL B 136 -3.65 6.80 34.04
N VAL B 137 -4.06 7.26 35.21
CA VAL B 137 -5.46 7.55 35.48
C VAL B 137 -5.76 8.98 35.90
N CYS B 138 -6.89 9.50 35.41
CA CYS B 138 -7.34 10.82 35.85
C CYS B 138 -8.86 10.86 35.92
N PHE B 139 -9.35 11.56 36.94
CA PHE B 139 -10.78 11.69 37.18
C PHE B 139 -11.29 13.10 36.95
N LEU B 140 -12.46 13.18 36.32
CA LEU B 140 -13.11 14.44 36.04
C LEU B 140 -14.41 14.27 36.83
N ASN B 141 -14.37 14.63 38.11
CA ASN B 141 -15.53 14.45 38.97
C ASN B 141 -16.42 15.66 39.20
N ASN B 142 -17.72 15.38 39.30
CA ASN B 142 -18.75 16.37 39.56
C ASN B 142 -18.82 17.58 38.63
N PHE B 143 -19.12 17.32 37.36
CA PHE B 143 -19.25 18.38 36.39
C PHE B 143 -20.65 18.31 35.76
N TYR B 144 -21.04 19.35 35.03
CA TYR B 144 -22.37 19.41 34.39
C TYR B 144 -22.40 20.49 33.30
N PRO B 145 -22.99 20.19 32.13
CA PRO B 145 -23.63 18.97 31.65
C PRO B 145 -22.62 17.85 31.47
N LYS B 146 -23.08 16.69 31.03
CA LYS B 146 -22.18 15.56 30.83
C LYS B 146 -21.39 15.68 29.54
N ASP B 147 -21.66 16.71 28.75
CA ASP B 147 -20.94 16.91 27.49
C ASP B 147 -19.51 17.34 27.78
N ILE B 148 -18.56 16.51 27.39
CA ILE B 148 -17.17 16.80 27.67
C ILE B 148 -16.23 15.96 26.80
N ASN B 149 -15.06 16.49 26.53
CA ASN B 149 -14.06 15.78 25.74
C ASN B 149 -12.75 15.78 26.51
N VAL B 150 -12.03 14.67 26.46
CA VAL B 150 -10.75 14.54 27.16
C VAL B 150 -9.68 14.09 26.16
N LYS B 151 -8.49 14.67 26.27
CA LYS B 151 -7.38 14.34 25.37
C LYS B 151 -6.10 14.03 26.15
N TRP B 152 -5.33 13.07 25.65
CA TRP B 152 -4.08 12.68 26.30
C TRP B 152 -2.85 13.12 25.49
N LYS B 153 -1.87 13.69 26.19
CA LYS B 153 -0.65 14.15 25.54
C LYS B 153 0.59 13.52 26.16
N ILE B 154 1.17 12.55 25.47
CA ILE B 154 2.38 11.90 25.95
C ILE B 154 3.54 12.74 25.43
N ASP B 155 4.18 13.50 26.32
CA ASP B 155 5.29 14.36 25.94
C ASP B 155 4.76 15.47 25.02
N GLY B 156 3.57 15.97 25.33
CA GLY B 156 2.97 17.03 24.52
C GLY B 156 2.60 16.62 23.11
N SER B 157 2.27 15.36 22.91
CA SER B 157 1.89 14.87 21.59
C SER B 157 0.54 14.16 21.55
N GLU B 158 0.00 14.02 20.34
CA GLU B 158 -1.27 13.34 20.13
C GLU B 158 -1.09 11.91 20.61
N ARG B 159 -2.12 11.36 21.25
CA ARG B 159 -2.00 9.99 21.75
C ARG B 159 -3.13 9.03 21.35
N GLN B 160 -4.26 9.11 22.05
CA GLN B 160 -5.39 8.22 21.78
C GLN B 160 -4.85 6.79 21.81
N ASN B 161 -5.30 5.97 20.87
CA ASN B 161 -4.83 4.60 20.76
C ASN B 161 -5.17 3.73 21.98
N GLY B 162 -4.38 3.86 23.06
CA GLY B 162 -4.63 3.04 24.24
C GLY B 162 -5.36 3.71 25.40
N VAL B 163 -6.41 4.49 25.10
CA VAL B 163 -7.15 5.18 26.15
C VAL B 163 -8.61 4.74 26.28
N LEU B 164 -8.99 4.33 27.49
CA LEU B 164 -10.35 3.89 27.79
C LEU B 164 -11.06 4.94 28.66
N ASN B 165 -12.33 5.19 28.36
CA ASN B 165 -13.11 6.15 29.13
C ASN B 165 -14.36 5.51 29.70
N SER B 166 -14.77 5.99 30.87
CA SER B 166 -15.96 5.46 31.53
C SER B 166 -16.71 6.59 32.25
N TRP B 167 -18.02 6.64 32.07
CA TRP B 167 -18.87 7.66 32.70
C TRP B 167 -19.81 7.08 33.77
N THR B 168 -20.21 7.94 34.70
CA THR B 168 -21.15 7.54 35.74
C THR B 168 -22.47 8.16 35.29
N ASP B 169 -23.58 7.66 35.81
CA ASP B 169 -24.88 8.24 35.47
C ASP B 169 -25.00 9.45 36.37
N GLN B 170 -26.09 10.20 36.21
CA GLN B 170 -26.31 11.39 37.03
C GLN B 170 -26.27 11.03 38.54
N ASP B 171 -25.45 11.74 39.28
CA ASP B 171 -25.30 11.50 40.70
C ASP B 171 -26.62 11.70 41.45
N SER B 172 -26.90 10.78 42.37
CA SER B 172 -28.14 10.82 43.14
C SER B 172 -28.24 11.92 44.20
N LYS B 173 -27.14 12.61 44.46
CA LYS B 173 -27.13 13.68 45.46
C LYS B 173 -26.82 15.08 44.89
N ASP B 174 -25.81 15.16 44.02
CA ASP B 174 -25.42 16.44 43.42
C ASP B 174 -26.05 16.67 42.05
N SER B 175 -26.53 15.60 41.44
CA SER B 175 -27.11 15.66 40.10
C SER B 175 -26.04 15.94 39.05
N THR B 176 -24.78 15.67 39.37
CA THR B 176 -23.70 15.90 38.42
C THR B 176 -23.22 14.60 37.79
N TYR B 177 -22.21 14.74 36.94
CA TYR B 177 -21.63 13.61 36.25
C TYR B 177 -20.15 13.51 36.59
N SER B 178 -19.60 12.31 36.51
CA SER B 178 -18.19 12.07 36.76
C SER B 178 -17.66 11.14 35.70
N MET B 179 -16.39 11.31 35.35
CA MET B 179 -15.79 10.50 34.33
C MET B 179 -14.41 10.01 34.72
N SER B 180 -14.05 8.86 34.16
CA SER B 180 -12.76 8.26 34.41
C SER B 180 -12.06 8.10 33.08
N SER B 181 -10.79 8.49 33.01
CA SER B 181 -10.03 8.35 31.77
C SER B 181 -8.70 7.64 32.04
N THR B 182 -8.53 6.45 31.47
CA THR B 182 -7.32 5.67 31.68
C THR B 182 -6.51 5.41 30.41
N LEU B 183 -5.21 5.69 30.51
CA LEU B 183 -4.27 5.48 29.42
C LEU B 183 -3.40 4.30 29.81
N THR B 184 -3.56 3.17 29.14
CA THR B 184 -2.77 1.99 29.46
C THR B 184 -1.64 1.81 28.46
N LEU B 185 -0.47 1.51 28.96
CA LEU B 185 0.70 1.30 28.11
C LEU B 185 1.73 0.42 28.82
N THR B 186 2.60 -0.20 28.03
CA THR B 186 3.63 -1.09 28.56
C THR B 186 4.59 -0.35 29.48
N LYS B 187 5.22 -1.10 30.39
CA LYS B 187 6.16 -0.53 31.33
C LYS B 187 7.28 0.19 30.57
N ASP B 188 7.54 -0.29 29.35
CA ASP B 188 8.57 0.29 28.50
C ASP B 188 8.17 1.67 27.99
N GLU B 189 7.04 1.72 27.29
CA GLU B 189 6.52 2.98 26.77
C GLU B 189 6.55 4.04 27.86
N TYR B 190 6.00 3.70 29.02
CA TYR B 190 5.95 4.63 30.13
C TYR B 190 7.32 5.18 30.51
N GLU B 191 8.27 4.29 30.76
CA GLU B 191 9.61 4.70 31.15
C GLU B 191 10.23 5.71 30.20
N ARG B 192 10.05 5.47 28.90
CA ARG B 192 10.60 6.34 27.87
C ARG B 192 10.23 7.79 28.13
N HIS B 193 9.03 8.17 27.70
CA HIS B 193 8.53 9.54 27.86
C HIS B 193 8.46 9.91 29.35
N ASN B 194 8.11 11.16 29.63
CA ASN B 194 8.01 11.62 31.02
C ASN B 194 7.13 12.85 31.19
N GLY B 195 6.32 13.16 30.17
CA GLY B 195 5.43 14.31 30.25
C GLY B 195 4.03 13.88 29.89
N TYR B 196 3.27 13.45 30.89
CA TYR B 196 1.90 12.98 30.66
C TYR B 196 0.81 14.00 31.04
N THR B 197 0.01 14.38 30.04
CA THR B 197 -1.04 15.38 30.23
C THR B 197 -2.50 14.93 30.04
N CYS B 198 -3.30 15.15 31.08
CA CYS B 198 -4.74 14.85 31.08
C CYS B 198 -5.44 16.18 30.83
N GLU B 199 -6.01 16.32 29.64
CA GLU B 199 -6.70 17.55 29.25
C GLU B 199 -8.22 17.35 29.08
N ALA B 200 -8.99 18.07 29.87
CA ALA B 200 -10.45 17.99 29.82
C ALA B 200 -11.05 19.31 29.34
N THR B 201 -11.71 19.26 28.18
CA THR B 201 -12.34 20.45 27.61
C THR B 201 -13.84 20.42 27.86
N HIS B 202 -14.27 20.99 28.99
CA HIS B 202 -15.68 21.01 29.31
C HIS B 202 -16.36 21.95 28.32
N LYS B 203 -17.10 21.38 27.38
CA LYS B 203 -17.81 22.13 26.35
C LYS B 203 -18.90 23.01 26.96
N THR B 204 -18.50 23.91 27.85
CA THR B 204 -19.42 24.82 28.52
C THR B 204 -18.73 25.46 29.72
N SER B 205 -17.44 25.79 29.56
CA SER B 205 -16.66 26.41 30.63
C SER B 205 -15.42 27.14 30.13
N THR B 206 -14.98 26.80 28.91
CA THR B 206 -13.79 27.43 28.31
C THR B 206 -12.55 27.21 29.17
N SER B 207 -11.38 27.55 28.62
CA SER B 207 -10.11 27.39 29.32
C SER B 207 -9.91 25.94 29.75
N PRO B 208 -9.62 25.05 28.79
CA PRO B 208 -9.39 23.62 29.01
C PRO B 208 -8.68 23.28 30.32
N ILE B 209 -9.41 22.71 31.26
CA ILE B 209 -8.84 22.32 32.53
C ILE B 209 -7.91 21.14 32.26
N VAL B 210 -6.64 21.29 32.64
CA VAL B 210 -5.68 20.24 32.42
C VAL B 210 -4.83 19.93 33.64
N LYS B 211 -4.23 18.74 33.61
CA LYS B 211 -3.35 18.27 34.67
C LYS B 211 -2.33 17.36 34.01
N SER B 212 -1.13 17.29 34.58
CA SER B 212 -0.07 16.44 34.02
C SER B 212 1.04 16.32 35.04
N PHE B 213 1.97 15.41 34.80
CA PHE B 213 3.09 15.23 35.70
C PHE B 213 4.26 14.64 34.92
N ASN B 214 5.42 14.58 35.55
CA ASN B 214 6.63 14.04 34.91
C ASN B 214 7.34 12.98 35.76
N ALA C 1 21.85 18.62 -17.22
CA ALA C 1 23.23 18.63 -17.84
C ALA C 1 23.24 17.93 -19.19
N ALA C 2 23.39 18.71 -20.27
CA ALA C 2 23.43 18.17 -21.62
C ALA C 2 24.35 18.98 -22.52
N LEU C 3 24.95 18.31 -23.50
CA LEU C 3 25.82 18.93 -24.48
C LEU C 3 25.10 18.77 -25.82
N LEU C 4 25.11 19.82 -26.64
CA LEU C 4 24.43 19.76 -27.92
C LEU C 4 25.34 20.24 -29.06
N GLU C 5 25.70 19.32 -29.96
CA GLU C 5 26.54 19.67 -31.10
C GLU C 5 25.64 20.21 -32.21
N SER C 6 26.20 21.12 -33.00
CA SER C 6 25.44 21.71 -34.09
C SER C 6 26.35 22.12 -35.25
N GLY C 7 25.81 22.13 -36.47
CA GLY C 7 26.58 22.55 -37.62
C GLY C 7 26.99 21.60 -38.74
N GLY C 8 26.92 20.30 -38.51
CA GLY C 8 27.31 19.37 -39.55
C GLY C 8 26.47 19.45 -40.82
N GLY C 9 26.76 18.58 -41.78
CA GLY C 9 26.02 18.57 -43.04
C GLY C 9 26.92 18.19 -44.20
N LEU C 10 26.40 18.29 -45.43
CA LEU C 10 27.20 17.97 -46.62
C LEU C 10 28.13 19.11 -46.98
N VAL C 11 29.33 18.76 -47.41
CA VAL C 11 30.33 19.75 -47.81
C VAL C 11 31.26 19.06 -48.80
N LYS C 12 31.68 19.79 -49.83
CA LYS C 12 32.56 19.21 -50.83
C LYS C 12 34.02 19.33 -50.43
N PRO C 13 34.85 18.40 -50.91
CA PRO C 13 36.30 18.39 -50.60
C PRO C 13 36.90 19.77 -50.77
N GLY C 14 37.78 20.12 -49.85
CA GLY C 14 38.41 21.42 -49.89
C GLY C 14 37.59 22.48 -49.18
N GLY C 15 36.31 22.23 -48.98
CA GLY C 15 35.47 23.21 -48.31
C GLY C 15 35.76 23.43 -46.83
N SER C 16 34.96 24.29 -46.19
CA SER C 16 35.14 24.57 -44.77
C SER C 16 33.79 24.51 -44.03
N LEU C 17 33.86 24.15 -42.75
CA LEU C 17 32.65 24.02 -41.95
C LEU C 17 32.94 24.47 -40.51
N LYS C 18 31.92 25.00 -39.85
CA LYS C 18 32.10 25.45 -38.47
C LYS C 18 31.07 24.81 -37.55
N LEU C 19 31.54 23.95 -36.65
CA LEU C 19 30.64 23.28 -35.70
C LEU C 19 30.57 24.06 -34.39
N SER C 20 29.42 23.99 -33.74
CA SER C 20 29.24 24.66 -32.45
C SER C 20 28.72 23.68 -31.41
N CYS C 21 28.98 23.99 -30.15
CA CYS C 21 28.57 23.17 -29.04
C CYS C 21 28.12 24.03 -27.87
N THR C 22 26.88 23.85 -27.47
CA THR C 22 26.32 24.58 -26.34
C THR C 22 26.00 23.57 -25.23
N ALA C 23 25.85 24.05 -24.01
CA ALA C 23 25.57 23.13 -22.92
C ALA C 23 24.68 23.74 -21.88
N SER C 24 24.08 22.85 -21.10
CA SER C 24 23.22 23.25 -20.00
C SER C 24 23.81 22.56 -18.78
N GLY C 25 24.24 23.34 -17.78
CA GLY C 25 24.77 22.76 -16.56
C GLY C 25 26.27 22.51 -16.53
N ILE C 26 26.94 22.89 -17.60
CA ILE C 26 28.38 22.72 -17.70
C ILE C 26 28.98 24.04 -18.13
N THR C 27 29.98 24.50 -17.39
CA THR C 27 30.64 25.76 -17.67
C THR C 27 31.99 25.53 -18.34
N PHE C 28 31.97 25.58 -19.67
CA PHE C 28 33.12 25.34 -20.54
C PHE C 28 34.44 25.96 -20.11
N SER C 29 34.42 27.22 -19.69
CA SER C 29 35.64 27.91 -19.27
C SER C 29 36.41 27.22 -18.14
N ARG C 30 35.76 26.33 -17.40
CA ARG C 30 36.41 25.65 -16.30
C ARG C 30 37.15 24.37 -16.65
N TYR C 31 36.96 23.84 -17.84
CA TYR C 31 37.62 22.59 -18.19
C TYR C 31 38.38 22.54 -19.50
N ILE C 32 38.99 21.38 -19.70
CA ILE C 32 39.68 21.05 -20.92
C ILE C 32 38.52 20.52 -21.74
N MET C 33 38.06 21.29 -22.73
CA MET C 33 36.96 20.82 -23.57
C MET C 33 37.54 20.14 -24.81
N SER C 34 36.83 19.15 -25.34
CA SER C 34 37.34 18.42 -26.48
C SER C 34 36.34 18.12 -27.56
N TRP C 35 36.88 17.77 -28.73
CA TRP C 35 36.10 17.36 -29.88
C TRP C 35 36.72 15.99 -30.22
N VAL C 36 35.88 15.00 -30.52
CA VAL C 36 36.39 13.70 -30.92
C VAL C 36 35.45 13.26 -32.05
N ARG C 37 35.91 12.36 -32.90
CA ARG C 37 35.05 11.93 -33.98
C ARG C 37 35.04 10.42 -34.16
N GLN C 38 33.90 9.93 -34.58
CA GLN C 38 33.71 8.49 -34.81
C GLN C 38 33.65 8.23 -36.32
N ILE C 39 34.70 7.60 -36.85
CA ILE C 39 34.77 7.23 -38.26
C ILE C 39 33.93 5.96 -38.39
N PRO C 40 33.28 5.75 -39.55
CA PRO C 40 32.46 4.55 -39.77
C PRO C 40 32.99 3.25 -39.18
N GLU C 41 34.32 3.10 -39.17
CA GLU C 41 34.97 1.92 -38.63
C GLU C 41 34.55 1.69 -37.18
N LYS C 42 34.05 2.76 -36.56
CA LYS C 42 33.55 2.78 -35.19
C LYS C 42 34.51 3.11 -34.05
N ARG C 43 35.79 3.33 -34.35
CA ARG C 43 36.72 3.68 -33.27
C ARG C 43 36.82 5.22 -33.10
N LEU C 44 36.79 5.67 -31.85
CA LEU C 44 36.87 7.09 -31.54
C LEU C 44 38.24 7.66 -31.83
N GLU C 45 38.22 8.85 -32.39
CA GLU C 45 39.46 9.53 -32.74
C GLU C 45 39.45 10.92 -32.13
N TRP C 46 40.54 11.28 -31.46
CA TRP C 46 40.68 12.61 -30.87
C TRP C 46 40.90 13.64 -31.97
N VAL C 47 40.20 14.77 -31.89
CA VAL C 47 40.34 15.84 -32.86
C VAL C 47 41.00 17.10 -32.31
N ALA C 48 40.57 17.54 -31.13
CA ALA C 48 41.12 18.76 -30.52
C ALA C 48 40.68 18.97 -29.08
N SER C 49 41.48 19.73 -28.34
CA SER C 49 41.19 20.06 -26.95
C SER C 49 41.69 21.47 -26.63
N ILE C 50 40.99 22.15 -25.74
CA ILE C 50 41.40 23.48 -25.31
C ILE C 50 41.27 23.47 -23.79
N SER C 51 42.32 23.91 -23.09
CA SER C 51 42.31 23.91 -21.63
C SER C 51 41.54 25.11 -21.08
N SER C 52 41.37 25.17 -19.76
CA SER C 52 40.66 26.31 -19.19
C SER C 52 41.57 27.51 -19.39
N GLY C 53 42.87 27.26 -19.50
CA GLY C 53 43.82 28.33 -19.73
C GLY C 53 43.82 28.85 -21.18
N GLY C 54 43.12 28.15 -22.08
CA GLY C 54 43.07 28.59 -23.47
C GLY C 54 44.13 28.00 -24.39
N ILE C 55 44.93 27.07 -23.87
CA ILE C 55 45.96 26.41 -24.65
C ILE C 55 45.29 25.35 -25.53
N THR C 56 45.52 25.40 -26.84
CA THR C 56 44.91 24.46 -27.76
C THR C 56 45.82 23.29 -28.08
N TYR C 57 45.20 22.15 -28.41
CA TYR C 57 45.94 20.92 -28.73
C TYR C 57 45.31 20.24 -29.93
N TYR C 58 46.15 19.63 -30.75
CA TYR C 58 45.68 18.98 -31.96
C TYR C 58 46.63 17.86 -32.34
N PRO C 59 46.09 16.78 -32.91
CA PRO C 59 46.95 15.68 -33.34
C PRO C 59 47.39 16.10 -34.76
N ASP C 60 48.50 15.53 -35.25
CA ASP C 60 49.00 15.88 -36.58
C ASP C 60 47.96 15.88 -37.71
N SER C 61 47.08 14.90 -37.71
CA SER C 61 46.06 14.79 -38.74
C SER C 61 45.19 16.02 -39.00
N VAL C 62 45.19 17.00 -38.10
CA VAL C 62 44.36 18.18 -38.31
C VAL C 62 45.09 19.45 -37.91
N ALA C 63 46.29 19.29 -37.38
CA ALA C 63 47.15 20.38 -36.91
C ALA C 63 46.90 21.77 -37.45
N GLY C 64 46.88 21.95 -38.76
CA GLY C 64 46.66 23.29 -39.29
C GLY C 64 45.41 23.55 -40.09
N ARG C 65 44.47 22.60 -40.10
CA ARG C 65 43.24 22.76 -40.86
C ARG C 65 42.04 23.02 -39.97
N PHE C 66 42.11 22.53 -38.74
CA PHE C 66 41.03 22.69 -37.77
C PHE C 66 41.46 23.65 -36.66
N THR C 67 40.52 24.45 -36.19
CA THR C 67 40.79 25.38 -35.09
C THR C 67 39.72 25.24 -33.99
N ILE C 68 40.14 24.97 -32.77
CA ILE C 68 39.17 24.86 -31.67
C ILE C 68 39.19 26.16 -30.90
N SER C 69 38.02 26.69 -30.58
CA SER C 69 37.99 27.93 -29.81
C SER C 69 36.78 27.92 -28.88
N ARG C 70 36.85 28.77 -27.86
CA ARG C 70 35.78 28.87 -26.88
C ARG C 70 35.33 30.31 -26.66
N ASP C 71 34.03 30.47 -26.44
CA ASP C 71 33.45 31.78 -26.17
C ASP C 71 33.03 31.71 -24.69
N ASN C 72 33.90 32.19 -23.81
CA ASN C 72 33.63 32.13 -22.37
C ASN C 72 32.42 32.91 -21.87
N VAL C 73 31.97 33.90 -22.64
CA VAL C 73 30.83 34.68 -22.23
C VAL C 73 29.53 33.93 -22.52
N ARG C 74 29.31 33.57 -23.78
CA ARG C 74 28.11 32.86 -24.19
C ARG C 74 28.18 31.35 -23.91
N ASN C 75 29.36 30.88 -23.54
CA ASN C 75 29.56 29.46 -23.24
C ASN C 75 29.31 28.57 -24.47
N ILE C 76 30.08 28.79 -25.52
CA ILE C 76 29.96 28.03 -26.75
C ILE C 76 31.31 27.47 -27.15
N LEU C 77 31.33 26.22 -27.58
CA LEU C 77 32.58 25.59 -28.01
C LEU C 77 32.55 25.60 -29.54
N TYR C 78 33.69 25.89 -30.15
CA TYR C 78 33.74 25.91 -31.62
C TYR C 78 34.81 25.03 -32.24
N LEU C 79 34.51 24.55 -33.44
CA LEU C 79 35.46 23.75 -34.20
C LEU C 79 35.36 24.25 -35.66
N GLN C 80 36.31 25.08 -36.05
CA GLN C 80 36.36 25.60 -37.40
C GLN C 80 37.18 24.59 -38.23
N MET C 81 36.54 24.01 -39.25
CA MET C 81 37.21 23.03 -40.09
C MET C 81 37.44 23.62 -41.48
N SER C 82 38.66 23.49 -41.97
CA SER C 82 39.02 24.00 -43.30
C SER C 82 39.73 22.94 -44.10
N SER C 83 39.75 23.12 -45.41
CA SER C 83 40.41 22.18 -46.31
C SER C 83 39.93 20.77 -45.97
N LEU C 84 38.62 20.62 -45.91
CA LEU C 84 38.03 19.34 -45.58
C LEU C 84 38.35 18.27 -46.60
N ARG C 85 38.72 17.09 -46.08
CA ARG C 85 39.05 15.96 -46.90
C ARG C 85 38.00 14.89 -46.65
N SER C 86 37.75 14.05 -47.64
CA SER C 86 36.74 12.99 -47.48
C SER C 86 36.99 12.14 -46.23
N GLU C 87 38.25 12.02 -45.83
CA GLU C 87 38.63 11.22 -44.67
C GLU C 87 38.17 11.88 -43.34
N ASP C 88 37.72 13.13 -43.41
CA ASP C 88 37.26 13.84 -42.23
C ASP C 88 35.78 13.53 -42.00
N THR C 89 35.20 12.73 -42.88
CA THR C 89 33.79 12.37 -42.77
C THR C 89 33.55 11.56 -41.48
N ALA C 90 32.67 12.05 -40.62
CA ALA C 90 32.41 11.37 -39.36
C ALA C 90 31.32 12.01 -38.52
N LEU C 91 31.08 11.42 -37.36
CA LEU C 91 30.12 11.99 -36.41
C LEU C 91 31.04 12.75 -35.47
N TYR C 92 30.81 14.05 -35.31
CA TYR C 92 31.69 14.83 -34.43
C TYR C 92 31.04 15.08 -33.08
N TYR C 93 31.76 14.71 -32.03
CA TYR C 93 31.27 14.87 -30.67
C TYR C 93 31.98 15.96 -29.91
N CYS C 94 31.19 16.64 -29.12
CA CYS C 94 31.65 17.69 -28.23
C CYS C 94 31.75 16.97 -26.85
N ALA C 95 32.82 17.20 -26.09
CA ALA C 95 32.92 16.50 -24.82
C ALA C 95 33.75 17.12 -23.72
N ARG C 96 33.31 16.87 -22.48
CA ARG C 96 33.97 17.34 -21.27
C ARG C 96 34.54 16.04 -20.73
N GLY C 97 35.80 15.77 -21.03
CA GLY C 97 36.39 14.51 -20.61
C GLY C 97 36.98 14.34 -19.22
N GLN C 98 37.15 15.42 -18.46
CA GLN C 98 37.72 15.32 -17.11
C GLN C 98 36.69 14.75 -16.14
N GLY C 99 37.19 14.00 -15.15
CA GLY C 99 36.32 13.41 -14.14
C GLY C 99 35.24 12.50 -14.67
N ARG C 100 34.01 12.97 -14.62
CA ARG C 100 32.87 12.19 -15.13
C ARG C 100 32.67 12.68 -16.55
N PRO C 101 33.07 11.87 -17.55
CA PRO C 101 32.93 12.24 -18.96
C PRO C 101 31.50 12.58 -19.40
N TYR C 102 31.39 13.58 -20.26
CA TYR C 102 30.12 14.02 -20.84
C TYR C 102 30.36 14.29 -22.32
N TRP C 103 29.39 13.90 -23.15
CA TRP C 103 29.48 14.11 -24.58
C TRP C 103 28.05 14.23 -25.09
N GLY C 104 27.86 14.92 -26.23
CA GLY C 104 26.54 15.09 -26.78
C GLY C 104 26.09 13.98 -27.71
N GLN C 105 25.02 14.21 -28.47
CA GLN C 105 24.49 13.22 -29.40
C GLN C 105 25.32 13.11 -30.68
N GLY C 106 26.11 14.13 -30.96
CA GLY C 106 26.92 14.13 -32.15
C GLY C 106 26.25 14.74 -33.37
N THR C 107 27.07 15.28 -34.25
CA THR C 107 26.57 15.90 -35.48
C THR C 107 27.40 15.28 -36.62
N SER C 108 26.70 14.86 -37.68
CA SER C 108 27.32 14.23 -38.84
C SER C 108 27.92 15.19 -39.87
N VAL C 109 29.18 14.96 -40.23
CA VAL C 109 29.89 15.76 -41.20
C VAL C 109 30.31 14.83 -42.35
N THR C 110 29.69 15.01 -43.51
CA THR C 110 30.00 14.20 -44.70
C THR C 110 30.75 15.03 -45.76
N VAL C 111 31.96 14.60 -46.10
CA VAL C 111 32.75 15.32 -47.11
C VAL C 111 32.73 14.55 -48.44
N SER C 112 31.89 14.98 -49.36
CA SER C 112 31.77 14.28 -50.63
C SER C 112 31.48 15.21 -51.82
N ALA C 113 31.85 14.75 -53.00
CA ALA C 113 31.61 15.51 -54.23
C ALA C 113 30.43 14.88 -54.95
N ALA C 114 30.06 13.68 -54.55
CA ALA C 114 28.95 12.95 -55.15
C ALA C 114 27.65 13.70 -54.88
N LYS C 115 26.74 13.65 -55.85
CA LYS C 115 25.44 14.34 -55.77
C LYS C 115 24.41 13.56 -54.97
N THR C 116 23.73 14.25 -54.06
CA THR C 116 22.70 13.60 -53.25
C THR C 116 21.64 13.09 -54.20
N THR C 117 21.44 11.78 -54.18
CA THR C 117 20.49 11.11 -55.06
C THR C 117 19.38 10.43 -54.26
N PRO C 118 18.10 10.70 -54.62
CA PRO C 118 17.00 10.06 -53.89
C PRO C 118 17.01 8.55 -54.15
N PRO C 119 16.44 7.77 -53.21
CA PRO C 119 16.40 6.32 -53.33
C PRO C 119 15.28 5.79 -54.22
N SER C 120 15.54 4.64 -54.86
CA SER C 120 14.55 3.99 -55.69
C SER C 120 14.04 2.83 -54.84
N VAL C 121 12.73 2.72 -54.69
CA VAL C 121 12.15 1.67 -53.89
C VAL C 121 11.40 0.62 -54.73
N TYR C 122 11.74 -0.65 -54.52
CA TYR C 122 11.11 -1.76 -55.23
C TYR C 122 10.47 -2.72 -54.25
N PRO C 123 9.15 -2.96 -54.38
CA PRO C 123 8.50 -3.88 -53.46
C PRO C 123 8.95 -5.31 -53.69
N ALA C 124 9.39 -5.97 -52.63
CA ALA C 124 9.83 -7.35 -52.71
C ALA C 124 8.74 -8.25 -52.15
N ALA C 125 8.01 -8.90 -53.06
CA ALA C 125 6.92 -9.79 -52.70
C ALA C 125 7.12 -11.14 -53.40
N PRO C 126 6.47 -12.20 -52.89
CA PRO C 126 6.60 -13.54 -53.50
C PRO C 126 6.10 -13.62 -54.95
N GLY C 127 4.79 -13.78 -55.11
CA GLY C 127 4.21 -13.88 -56.44
C GLY C 127 3.64 -15.27 -56.72
N CYS C 128 4.14 -15.93 -57.75
CA CYS C 128 3.67 -17.27 -58.09
C CYS C 128 4.83 -18.22 -58.38
N GLY C 129 4.90 -19.31 -57.62
CA GLY C 129 5.97 -20.27 -57.82
C GLY C 129 6.67 -20.72 -56.55
N ASP C 130 6.18 -20.29 -55.39
CA ASP C 130 6.79 -20.67 -54.12
C ASP C 130 5.81 -20.79 -52.95
N THR C 131 6.35 -21.15 -51.78
CA THR C 131 5.57 -21.32 -50.55
C THR C 131 4.84 -20.07 -50.10
N THR C 132 3.54 -20.21 -49.83
CA THR C 132 2.71 -19.10 -49.37
C THR C 132 1.76 -19.57 -48.26
N GLY C 133 2.20 -19.46 -47.02
CA GLY C 133 1.37 -19.89 -45.91
C GLY C 133 1.49 -19.02 -44.67
N SER C 134 1.19 -19.61 -43.50
CA SER C 134 1.25 -18.89 -42.24
C SER C 134 2.54 -18.11 -42.12
N SER C 135 2.41 -16.80 -41.92
CA SER C 135 3.54 -15.90 -41.79
C SER C 135 4.37 -15.81 -43.07
N VAL C 136 4.05 -14.82 -43.90
CA VAL C 136 4.76 -14.62 -45.16
C VAL C 136 5.72 -13.44 -44.99
N THR C 137 6.91 -13.58 -45.56
CA THR C 137 7.91 -12.51 -45.46
C THR C 137 7.89 -11.56 -46.67
N LEU C 138 7.58 -10.29 -46.39
CA LEU C 138 7.53 -9.26 -47.41
C LEU C 138 8.71 -8.32 -47.20
N GLY C 139 8.98 -7.46 -48.18
CA GLY C 139 10.09 -6.54 -48.03
C GLY C 139 10.18 -5.45 -49.08
N CYS C 140 11.06 -4.48 -48.82
CA CYS C 140 11.30 -3.38 -49.75
C CYS C 140 12.79 -3.22 -50.01
N LEU C 141 13.13 -3.06 -51.28
CA LEU C 141 14.52 -2.87 -51.69
C LEU C 141 14.73 -1.41 -52.01
N VAL C 142 15.63 -0.77 -51.27
CA VAL C 142 15.97 0.64 -51.47
C VAL C 142 17.30 0.65 -52.21
N LYS C 143 17.32 1.25 -53.38
CA LYS C 143 18.53 1.25 -54.18
C LYS C 143 18.92 2.62 -54.77
N GLY C 144 20.20 2.75 -55.08
CA GLY C 144 20.73 3.96 -55.70
C GLY C 144 20.65 5.34 -55.06
N TYR C 145 20.67 5.42 -53.74
CA TYR C 145 20.62 6.73 -53.07
C TYR C 145 22.01 6.99 -52.49
N PHE C 146 22.47 8.23 -52.47
CA PHE C 146 23.80 8.46 -51.93
C PHE C 146 23.87 8.77 -50.44
N PRO C 147 23.65 10.05 -50.04
CA PRO C 147 23.73 10.26 -48.59
C PRO C 147 23.06 9.10 -47.87
N GLU C 148 23.89 8.26 -47.24
CA GLU C 148 23.46 7.05 -46.54
C GLU C 148 22.28 7.11 -45.56
N PRO C 149 22.15 8.20 -44.80
CA PRO C 149 21.02 8.23 -43.87
C PRO C 149 19.64 8.09 -44.53
N VAL C 150 19.00 6.93 -44.31
CA VAL C 150 17.67 6.66 -44.85
C VAL C 150 16.89 5.92 -43.77
N THR C 151 15.57 6.10 -43.74
CA THR C 151 14.76 5.45 -42.71
C THR C 151 13.62 4.64 -43.29
N VAL C 152 13.56 3.36 -42.92
CA VAL C 152 12.49 2.49 -43.38
C VAL C 152 11.50 2.25 -42.24
N THR C 153 10.21 2.43 -42.53
CA THR C 153 9.18 2.24 -41.52
C THR C 153 8.03 1.45 -42.14
N TRP C 154 7.48 0.49 -41.40
CA TRP C 154 6.37 -0.31 -41.90
C TRP C 154 5.08 0.03 -41.16
N ASN C 155 4.12 0.60 -41.87
CA ASN C 155 2.83 0.99 -41.30
C ASN C 155 2.96 1.50 -39.86
N SER C 156 4.11 2.11 -39.56
CA SER C 156 4.39 2.64 -38.23
C SER C 156 3.89 1.72 -37.11
N GLY C 157 3.99 0.42 -37.34
CA GLY C 157 3.54 -0.56 -36.37
C GLY C 157 3.98 -1.96 -36.77
N GLY C 158 5.07 -2.44 -36.19
CA GLY C 158 5.57 -3.77 -36.51
C GLY C 158 6.94 -4.02 -35.91
N SER C 159 7.11 -5.19 -35.29
CA SER C 159 8.38 -5.56 -34.69
C SER C 159 9.07 -6.67 -35.45
N SER C 160 8.29 -7.43 -36.22
CA SER C 160 8.83 -8.53 -37.02
C SER C 160 9.65 -7.97 -38.17
N VAL C 161 10.26 -6.80 -37.94
CA VAL C 161 11.06 -6.11 -38.94
C VAL C 161 12.55 -6.43 -38.88
N HIS C 162 13.17 -6.44 -40.05
CA HIS C 162 14.59 -6.72 -40.18
C HIS C 162 15.21 -5.80 -41.22
N THR C 163 15.89 -4.76 -40.76
CA THR C 163 16.54 -3.82 -41.65
C THR C 163 18.03 -4.11 -41.67
N PHE C 164 18.54 -4.47 -42.84
CA PHE C 164 19.95 -4.81 -43.01
C PHE C 164 20.79 -3.57 -43.29
N PRO C 165 22.07 -3.61 -42.87
CA PRO C 165 23.00 -2.50 -43.07
C PRO C 165 23.11 -2.13 -44.54
N ALA C 166 23.16 -0.84 -44.85
CA ALA C 166 23.28 -0.40 -46.22
C ALA C 166 24.66 -0.70 -46.76
N LEU C 167 24.72 -1.25 -47.98
CA LEU C 167 25.98 -1.59 -48.61
C LEU C 167 26.21 -0.63 -49.77
N LEU C 168 27.46 -0.24 -49.98
CA LEU C 168 27.78 0.68 -51.06
C LEU C 168 28.04 -0.12 -52.32
N GLN C 169 27.49 0.37 -53.43
CA GLN C 169 27.65 -0.31 -54.71
C GLN C 169 27.68 0.72 -55.84
N SER C 170 28.82 0.83 -56.51
CA SER C 170 28.98 1.76 -57.61
C SER C 170 28.84 3.20 -57.14
N GLY C 171 29.35 3.49 -55.95
CA GLY C 171 29.27 4.83 -55.41
C GLY C 171 27.89 5.18 -54.85
N LEU C 172 26.96 4.24 -54.93
CA LEU C 172 25.62 4.46 -54.40
C LEU C 172 25.19 3.38 -53.41
N TYR C 173 24.49 3.81 -52.36
CA TYR C 173 24.02 2.92 -51.31
C TYR C 173 22.75 2.15 -51.65
N THR C 174 22.71 0.90 -51.18
CA THR C 174 21.58 0.02 -51.39
C THR C 174 21.37 -0.81 -50.15
N MET C 175 20.11 -0.99 -49.75
CA MET C 175 19.79 -1.80 -48.58
C MET C 175 18.39 -2.36 -48.72
N SER C 176 18.05 -3.32 -47.87
CA SER C 176 16.74 -3.94 -47.91
C SER C 176 16.17 -4.07 -46.51
N SER C 177 14.86 -4.23 -46.42
CA SER C 177 14.19 -4.40 -45.14
C SER C 177 13.06 -5.40 -45.33
N SER C 178 12.97 -6.36 -44.42
CA SER C 178 11.92 -7.37 -44.51
C SER C 178 11.03 -7.38 -43.28
N VAL C 179 9.81 -7.86 -43.46
CA VAL C 179 8.84 -7.95 -42.38
C VAL C 179 8.04 -9.23 -42.56
N THR C 180 7.70 -9.87 -41.46
CA THR C 180 6.92 -11.11 -41.52
C THR C 180 5.61 -10.95 -40.76
N VAL C 181 4.53 -11.41 -41.38
CA VAL C 181 3.20 -11.35 -40.79
C VAL C 181 2.41 -12.59 -41.19
N PRO C 182 1.48 -13.04 -40.33
CA PRO C 182 0.66 -14.22 -40.60
C PRO C 182 -0.18 -14.09 -41.88
N SER C 183 -0.09 -15.08 -42.76
CA SER C 183 -0.83 -15.07 -44.02
C SER C 183 -2.30 -14.75 -43.80
N SER C 184 -2.78 -15.04 -42.59
CA SER C 184 -4.16 -14.79 -42.22
C SER C 184 -4.46 -13.30 -42.09
N THR C 185 -3.66 -12.47 -42.75
CA THR C 185 -3.86 -11.03 -42.69
C THR C 185 -3.19 -10.26 -43.82
N TRP C 186 -2.78 -10.94 -44.88
CA TRP C 186 -2.15 -10.24 -45.99
C TRP C 186 -3.13 -9.20 -46.56
N PRO C 187 -4.41 -9.60 -46.74
CA PRO C 187 -5.40 -8.65 -47.27
C PRO C 187 -5.74 -7.58 -46.24
N SER C 188 -4.73 -6.80 -45.86
CA SER C 188 -4.88 -5.73 -44.90
C SER C 188 -3.91 -4.62 -45.28
N THR C 189 -3.31 -4.77 -46.47
CA THR C 189 -2.36 -3.83 -47.03
C THR C 189 -1.09 -3.60 -46.20
N VAL C 190 0.04 -3.95 -46.79
CA VAL C 190 1.34 -3.79 -46.14
C VAL C 190 2.06 -2.63 -46.83
N THR C 191 2.49 -1.65 -46.03
CA THR C 191 3.18 -0.49 -46.58
C THR C 191 4.53 -0.21 -45.93
N CYS C 192 5.54 0.04 -46.77
CA CYS C 192 6.87 0.37 -46.28
C CYS C 192 7.13 1.83 -46.65
N SER C 193 7.61 2.62 -45.69
CA SER C 193 7.90 4.03 -45.92
C SER C 193 9.39 4.32 -45.84
N VAL C 194 9.97 4.71 -46.97
CA VAL C 194 11.40 5.02 -47.02
C VAL C 194 11.59 6.54 -47.02
N ALA C 195 12.15 7.06 -45.93
CA ALA C 195 12.40 8.51 -45.79
C ALA C 195 13.89 8.81 -45.95
N HIS C 196 14.20 9.77 -46.82
CA HIS C 196 15.58 10.15 -47.11
C HIS C 196 15.73 11.64 -46.83
N PRO C 197 16.06 11.99 -45.58
CA PRO C 197 16.21 13.40 -45.21
C PRO C 197 17.05 14.23 -46.19
N ALA C 198 18.24 13.74 -46.52
CA ALA C 198 19.12 14.44 -47.44
C ALA C 198 18.38 14.99 -48.66
N SER C 199 17.89 14.11 -49.52
CA SER C 199 17.18 14.53 -50.72
C SER C 199 15.77 14.99 -50.42
N SER C 200 15.43 15.07 -49.13
CA SER C 200 14.10 15.51 -48.72
C SER C 200 13.01 14.76 -49.49
N THR C 201 13.11 13.44 -49.51
CA THR C 201 12.14 12.60 -50.21
C THR C 201 11.63 11.49 -49.30
N THR C 202 10.33 11.23 -49.38
CA THR C 202 9.72 10.16 -48.60
C THR C 202 8.94 9.33 -49.61
N VAL C 203 9.19 8.02 -49.65
CA VAL C 203 8.51 7.17 -50.62
C VAL C 203 7.70 6.03 -49.98
N ASP C 204 6.38 6.14 -50.07
CA ASP C 204 5.46 5.13 -49.52
C ASP C 204 5.05 4.15 -50.60
N LYS C 205 5.34 2.86 -50.37
CA LYS C 205 5.00 1.82 -51.33
C LYS C 205 4.22 0.70 -50.65
N LYS C 206 2.93 0.61 -50.95
CA LYS C 206 2.06 -0.42 -50.38
C LYS C 206 2.30 -1.70 -51.18
N LEU C 207 2.55 -2.80 -50.47
CA LEU C 207 2.81 -4.07 -51.14
C LEU C 207 1.58 -4.82 -51.62
N GLU C 208 1.59 -5.13 -52.91
CA GLU C 208 0.51 -5.85 -53.59
C GLU C 208 -0.82 -5.77 -52.85
N ALA D 1 49.52 6.05 -24.55
CA ALA D 1 48.69 5.13 -23.69
C ALA D 1 47.64 4.40 -24.53
N ALA D 2 48.00 3.21 -25.01
CA ALA D 2 47.10 2.41 -25.83
C ALA D 2 46.28 1.46 -24.98
N LEU D 3 44.99 1.38 -25.27
CA LEU D 3 44.09 0.51 -24.53
C LEU D 3 43.73 -0.66 -25.45
N THR D 4 43.79 -1.88 -24.93
CA THR D 4 43.51 -3.03 -25.76
C THR D 4 42.45 -3.97 -25.20
N GLN D 5 41.57 -4.42 -26.08
CA GLN D 5 40.49 -5.33 -25.74
C GLN D 5 40.35 -6.38 -26.84
N SER D 6 39.73 -7.51 -26.50
CA SER D 6 39.49 -8.55 -27.48
C SER D 6 38.28 -8.05 -28.28
N PRO D 7 38.26 -8.30 -29.60
CA PRO D 7 37.12 -7.85 -30.41
C PRO D 7 35.78 -8.45 -29.98
N VAL D 8 35.80 -9.70 -29.54
CA VAL D 8 34.56 -10.37 -29.12
C VAL D 8 34.79 -11.16 -27.84
N SER D 9 33.68 -11.54 -27.21
CA SER D 9 33.72 -12.33 -25.98
C SER D 9 33.27 -13.74 -26.34
N ASN D 10 33.53 -14.69 -25.44
CA ASN D 10 33.08 -16.05 -25.68
C ASN D 10 31.56 -15.96 -25.60
N PRO D 11 30.84 -16.86 -26.26
CA PRO D 11 29.39 -16.72 -26.13
C PRO D 11 29.02 -16.84 -24.64
N VAL D 12 28.04 -16.07 -24.22
CA VAL D 12 27.64 -16.07 -22.83
C VAL D 12 26.20 -16.48 -22.69
N THR D 13 25.90 -17.29 -21.68
CA THR D 13 24.55 -17.77 -21.43
C THR D 13 23.72 -16.78 -20.61
N LEU D 14 22.46 -16.61 -21.00
CA LEU D 14 21.58 -15.70 -20.30
C LEU D 14 21.53 -16.04 -18.82
N GLY D 15 21.59 -15.03 -17.97
CA GLY D 15 21.56 -15.27 -16.54
C GLY D 15 22.92 -15.43 -15.90
N THR D 16 23.93 -15.78 -16.68
CA THR D 16 25.27 -15.92 -16.11
C THR D 16 25.96 -14.56 -16.17
N SER D 17 27.19 -14.48 -15.68
CA SER D 17 27.90 -13.21 -15.68
C SER D 17 29.04 -13.18 -16.69
N ALA D 18 29.20 -12.07 -17.39
CA ALA D 18 30.22 -11.90 -18.43
C ALA D 18 31.44 -11.11 -17.96
N SER D 19 32.59 -11.41 -18.55
CA SER D 19 33.81 -10.70 -18.22
C SER D 19 34.31 -10.03 -19.48
N ILE D 20 34.78 -8.79 -19.33
CA ILE D 20 35.31 -8.03 -20.45
C ILE D 20 36.57 -7.33 -19.99
N SER D 21 37.71 -7.81 -20.49
CA SER D 21 39.01 -7.28 -20.15
C SER D 21 39.44 -6.07 -20.96
N CYS D 22 40.44 -5.38 -20.41
CA CYS D 22 40.98 -4.19 -21.01
C CYS D 22 42.31 -3.97 -20.33
N ARG D 23 43.33 -3.59 -21.09
CA ARG D 23 44.62 -3.29 -20.49
C ARG D 23 45.18 -2.04 -21.10
N SER D 24 46.12 -1.43 -20.39
CA SER D 24 46.73 -0.19 -20.86
C SER D 24 48.23 -0.38 -20.80
N THR D 25 48.96 0.42 -21.55
CA THR D 25 50.40 0.31 -21.57
C THR D 25 51.01 1.05 -20.39
N LYS D 26 50.18 1.84 -19.72
CA LYS D 26 50.62 2.63 -18.57
C LYS D 26 49.59 2.61 -17.45
N SER D 27 50.05 2.77 -16.21
CA SER D 27 49.13 2.77 -15.08
C SER D 27 48.15 3.93 -15.15
N LEU D 28 46.88 3.62 -14.90
CA LEU D 28 45.83 4.63 -14.93
C LEU D 28 45.57 5.17 -13.51
N LEU D 29 46.44 4.78 -12.58
CA LEU D 29 46.32 5.23 -11.19
C LEU D 29 47.10 6.52 -11.00
N HIS D 30 46.38 7.55 -10.59
CA HIS D 30 46.95 8.87 -10.36
C HIS D 30 47.43 8.97 -8.91
N SER D 31 48.44 9.78 -8.67
CA SER D 31 48.98 9.93 -7.32
C SER D 31 47.96 10.41 -6.30
N ASN D 32 46.76 10.73 -6.75
CA ASN D 32 45.70 11.18 -5.86
C ASN D 32 44.78 10.05 -5.43
N GLY D 33 45.15 8.82 -5.78
CA GLY D 33 44.36 7.64 -5.41
C GLY D 33 43.35 7.16 -6.44
N ILE D 34 42.87 8.06 -7.28
CA ILE D 34 41.88 7.72 -8.28
C ILE D 34 42.43 7.07 -9.56
N THR D 35 41.70 6.10 -10.09
CA THR D 35 42.09 5.44 -11.34
C THR D 35 41.17 5.99 -12.44
N TYR D 36 41.73 6.74 -13.38
CA TYR D 36 40.92 7.36 -14.43
C TYR D 36 40.61 6.44 -15.60
N LEU D 37 39.68 5.51 -15.34
CA LEU D 37 39.24 4.54 -16.30
C LEU D 37 37.74 4.62 -16.32
N TYR D 38 37.15 4.59 -17.51
CA TYR D 38 35.71 4.63 -17.61
C TYR D 38 35.26 3.63 -18.67
N TRP D 39 34.01 3.21 -18.60
CA TRP D 39 33.50 2.25 -19.55
C TRP D 39 32.23 2.79 -20.17
N TYR D 40 32.02 2.51 -21.46
CA TYR D 40 30.81 2.96 -22.10
C TYR D 40 30.31 1.89 -23.05
N LEU D 41 29.00 1.91 -23.26
CA LEU D 41 28.33 0.96 -24.12
C LEU D 41 27.85 1.61 -25.42
N GLN D 42 28.06 0.91 -26.53
CA GLN D 42 27.63 1.41 -27.82
C GLN D 42 26.74 0.34 -28.46
N LYS D 43 25.44 0.59 -28.51
CA LYS D 43 24.50 -0.34 -29.12
C LYS D 43 24.26 0.11 -30.55
N PRO D 44 23.64 -0.75 -31.37
CA PRO D 44 23.36 -0.40 -32.79
C PRO D 44 22.53 0.88 -32.98
N GLY D 45 23.04 1.77 -33.82
CA GLY D 45 22.35 3.02 -34.13
C GLY D 45 21.97 3.87 -32.93
N GLN D 46 22.91 4.01 -32.00
CA GLN D 46 22.70 4.82 -30.79
C GLN D 46 24.00 5.43 -30.34
N SER D 47 23.92 6.58 -29.69
CA SER D 47 25.13 7.23 -29.19
C SER D 47 25.71 6.41 -28.03
N PRO D 48 27.01 6.52 -27.80
CA PRO D 48 27.62 5.76 -26.71
C PRO D 48 26.98 6.14 -25.38
N GLN D 49 26.89 5.17 -24.48
CA GLN D 49 26.31 5.41 -23.16
C GLN D 49 27.35 5.12 -22.07
N LEU D 50 27.58 6.09 -21.19
CA LEU D 50 28.54 5.91 -20.12
C LEU D 50 28.02 4.87 -19.13
N LEU D 51 28.90 4.00 -18.69
CA LEU D 51 28.53 2.95 -17.73
C LEU D 51 29.18 3.20 -16.39
N ILE D 52 30.50 3.31 -16.42
CA ILE D 52 31.28 3.48 -15.23
C ILE D 52 32.41 4.45 -15.47
N TYR D 53 32.73 5.26 -14.47
CA TYR D 53 33.85 6.18 -14.61
C TYR D 53 34.71 6.13 -13.36
N GLN D 54 35.96 6.55 -13.49
CA GLN D 54 36.88 6.50 -12.37
C GLN D 54 36.90 5.08 -11.77
N MET D 55 36.84 4.10 -12.67
CA MET D 55 36.90 2.68 -12.35
C MET D 55 35.80 2.07 -11.48
N SER D 56 35.26 2.85 -10.55
CA SER D 56 34.24 2.29 -9.65
C SER D 56 32.95 3.08 -9.42
N ASN D 57 32.67 4.11 -10.21
CA ASN D 57 31.44 4.86 -10.01
C ASN D 57 30.46 4.56 -11.12
N LEU D 58 29.20 4.35 -10.77
CA LEU D 58 28.17 4.06 -11.76
C LEU D 58 27.55 5.34 -12.31
N ALA D 59 27.44 5.43 -13.63
CA ALA D 59 26.82 6.59 -14.24
C ALA D 59 25.35 6.52 -13.84
N SER D 60 24.60 7.54 -14.21
CA SER D 60 23.18 7.58 -13.87
C SER D 60 22.38 6.64 -14.76
N GLY D 61 21.44 5.94 -14.14
CA GLY D 61 20.60 5.00 -14.88
C GLY D 61 21.21 3.62 -15.01
N VAL D 62 22.46 3.48 -14.60
CA VAL D 62 23.12 2.18 -14.70
C VAL D 62 22.82 1.23 -13.54
N PRO D 63 22.15 0.10 -13.83
CA PRO D 63 21.79 -0.91 -12.82
C PRO D 63 23.05 -1.44 -12.15
N ASN D 64 22.94 -1.93 -10.92
CA ASN D 64 24.11 -2.42 -10.21
C ASN D 64 24.65 -3.77 -10.66
N ARG D 65 24.20 -4.23 -11.82
CA ARG D 65 24.69 -5.49 -12.40
C ARG D 65 26.08 -5.25 -12.98
N PHE D 66 26.46 -3.99 -13.15
CA PHE D 66 27.77 -3.62 -13.71
C PHE D 66 28.75 -3.33 -12.61
N SER D 67 30.02 -3.59 -12.85
CA SER D 67 31.06 -3.35 -11.87
C SER D 67 32.43 -3.52 -12.52
N SER D 68 33.44 -2.86 -11.98
CA SER D 68 34.76 -2.94 -12.55
C SER D 68 35.89 -3.14 -11.52
N SER D 69 36.71 -4.17 -11.72
CA SER D 69 37.82 -4.44 -10.83
C SER D 69 39.11 -4.47 -11.64
N GLY D 70 40.25 -4.42 -10.96
CA GLY D 70 41.52 -4.45 -11.67
C GLY D 70 42.63 -3.63 -11.02
N SER D 71 43.86 -3.85 -11.45
CA SER D 71 45.01 -3.14 -10.90
C SER D 71 45.20 -1.80 -11.58
N GLY D 72 46.45 -1.48 -11.93
CA GLY D 72 46.74 -0.23 -12.58
C GLY D 72 46.79 -0.36 -14.08
N THR D 73 47.02 -1.57 -14.58
CA THR D 73 47.10 -1.79 -16.03
C THR D 73 46.23 -2.92 -16.55
N ASP D 74 45.57 -3.65 -15.65
CA ASP D 74 44.72 -4.77 -16.05
C ASP D 74 43.34 -4.60 -15.44
N PHE D 75 42.31 -4.48 -16.27
CA PHE D 75 40.95 -4.29 -15.77
C PHE D 75 39.96 -5.24 -16.37
N THR D 76 38.84 -5.40 -15.69
CA THR D 76 37.80 -6.30 -16.09
C THR D 76 36.43 -5.66 -15.83
N LEU D 77 35.54 -5.69 -16.81
CA LEU D 77 34.22 -5.16 -16.64
C LEU D 77 33.36 -6.40 -16.35
N ARG D 78 32.51 -6.32 -15.33
CA ARG D 78 31.68 -7.47 -15.02
C ARG D 78 30.22 -7.15 -15.19
N ILE D 79 29.50 -8.05 -15.82
CA ILE D 79 28.08 -7.87 -16.03
C ILE D 79 27.38 -9.09 -15.42
N ASN D 80 26.58 -8.84 -14.40
CA ASN D 80 25.84 -9.91 -13.73
C ASN D 80 24.52 -10.18 -14.40
N THR D 81 24.11 -11.44 -14.36
CA THR D 81 22.85 -11.87 -14.95
C THR D 81 22.64 -11.32 -16.36
N VAL D 82 23.58 -11.60 -17.26
CA VAL D 82 23.49 -11.14 -18.64
C VAL D 82 22.08 -11.35 -19.20
N GLU D 83 21.48 -10.26 -19.66
CA GLU D 83 20.15 -10.31 -20.23
C GLU D 83 20.33 -10.21 -21.73
N ALA D 84 19.26 -10.35 -22.49
CA ALA D 84 19.34 -10.28 -23.94
C ALA D 84 19.62 -8.86 -24.47
N GLU D 85 19.16 -7.83 -23.76
CA GLU D 85 19.37 -6.45 -24.19
C GLU D 85 20.79 -5.97 -23.98
N ASP D 86 21.62 -6.75 -23.30
CA ASP D 86 22.99 -6.34 -23.06
C ASP D 86 23.91 -6.41 -24.28
N VAL D 87 23.45 -7.05 -25.36
CA VAL D 87 24.29 -7.15 -26.56
C VAL D 87 24.64 -5.78 -27.08
N GLY D 88 25.91 -5.60 -27.43
CA GLY D 88 26.37 -4.33 -27.93
C GLY D 88 27.87 -4.36 -27.86
N VAL D 89 28.52 -3.20 -27.96
CA VAL D 89 29.97 -3.16 -27.87
C VAL D 89 30.37 -2.43 -26.59
N TYR D 90 31.33 -2.99 -25.86
CA TYR D 90 31.81 -2.43 -24.60
C TYR D 90 33.21 -1.86 -24.70
N TYR D 91 33.29 -0.56 -24.45
CA TYR D 91 34.57 0.13 -24.55
C TYR D 91 35.11 0.62 -23.21
N CYS D 92 36.42 0.54 -23.09
CA CYS D 92 37.11 1.06 -21.94
C CYS D 92 37.94 2.17 -22.57
N ALA D 93 38.36 3.13 -21.76
CA ALA D 93 39.14 4.26 -22.24
C ALA D 93 39.73 4.93 -21.02
N GLN D 94 40.62 5.88 -21.24
CA GLN D 94 41.23 6.57 -20.14
C GLN D 94 41.12 8.07 -20.25
N ASN D 95 40.97 8.74 -19.10
CA ASN D 95 40.92 10.19 -19.05
C ASN D 95 41.89 10.65 -17.99
N LEU D 96 43.08 10.08 -18.08
CA LEU D 96 44.19 10.41 -17.19
C LEU D 96 45.02 11.52 -17.83
N GLU D 97 45.47 11.26 -19.06
CA GLU D 97 46.32 12.20 -19.79
C GLU D 97 45.69 12.75 -21.06
N LEU D 98 45.91 14.05 -21.28
CA LEU D 98 45.35 14.76 -22.40
C LEU D 98 45.13 13.99 -23.68
N PRO D 99 46.21 13.52 -24.33
CA PRO D 99 45.87 12.79 -25.57
C PRO D 99 44.93 11.63 -25.23
N PRO D 100 43.61 11.85 -25.42
CA PRO D 100 42.65 10.79 -25.10
C PRO D 100 42.70 9.59 -26.01
N THR D 101 42.80 8.40 -25.43
CA THR D 101 42.84 7.17 -26.18
C THR D 101 41.68 6.25 -25.75
N PHE D 102 41.24 5.37 -26.64
CA PHE D 102 40.13 4.48 -26.37
C PHE D 102 40.43 3.07 -26.83
N GLY D 103 39.73 2.11 -26.24
CA GLY D 103 39.93 0.73 -26.63
C GLY D 103 39.15 0.44 -27.90
N ALA D 104 39.48 -0.65 -28.56
CA ALA D 104 38.82 -1.03 -29.80
C ALA D 104 37.39 -1.47 -29.55
N GLY D 105 37.10 -1.83 -28.30
CA GLY D 105 35.77 -2.30 -27.97
C GLY D 105 35.74 -3.82 -28.02
N THR D 106 34.78 -4.40 -27.32
CA THR D 106 34.60 -5.84 -27.27
C THR D 106 33.11 -6.07 -27.44
N LYS D 107 32.75 -6.86 -28.44
CA LYS D 107 31.34 -7.16 -28.68
C LYS D 107 30.89 -8.30 -27.76
N LEU D 108 29.71 -8.16 -27.19
CA LEU D 108 29.21 -9.19 -26.29
C LEU D 108 28.36 -10.21 -27.06
N GLU D 109 28.90 -11.42 -27.21
CA GLU D 109 28.23 -12.50 -27.91
C GLU D 109 27.25 -13.27 -27.01
N LEU D 110 25.98 -13.14 -27.32
CA LEU D 110 24.96 -13.84 -26.54
C LEU D 110 24.88 -15.28 -27.04
N LYS D 111 24.63 -16.21 -26.13
CA LYS D 111 24.53 -17.62 -26.51
C LYS D 111 23.13 -18.15 -26.21
N ARG D 112 22.59 -18.91 -27.17
CA ARG D 112 21.25 -19.49 -27.06
C ARG D 112 21.21 -20.73 -27.94
N ALA D 113 20.04 -21.39 -28.00
CA ALA D 113 19.89 -22.58 -28.83
C ALA D 113 20.13 -22.22 -30.30
N ASP D 114 20.29 -23.23 -31.13
CA ASP D 114 20.52 -22.99 -32.55
C ASP D 114 19.19 -22.79 -33.26
N ALA D 115 19.25 -22.52 -34.55
CA ALA D 115 18.06 -22.33 -35.37
C ALA D 115 18.44 -22.34 -36.83
N ALA D 116 17.43 -22.45 -37.69
CA ALA D 116 17.62 -22.46 -39.13
C ALA D 116 17.01 -21.21 -39.73
N PRO D 117 17.64 -20.65 -40.77
CA PRO D 117 17.14 -19.44 -41.43
C PRO D 117 15.85 -19.63 -42.24
N THR D 118 14.88 -18.75 -42.01
CA THR D 118 13.62 -18.81 -42.72
C THR D 118 13.86 -18.24 -44.11
N VAL D 119 14.63 -18.96 -44.92
CA VAL D 119 14.98 -18.52 -46.26
C VAL D 119 13.78 -18.33 -47.19
N SER D 120 13.87 -17.31 -48.03
CA SER D 120 12.84 -16.98 -49.00
C SER D 120 13.49 -16.08 -50.04
N ILE D 121 13.24 -16.37 -51.31
CA ILE D 121 13.83 -15.59 -52.39
C ILE D 121 12.79 -14.75 -53.12
N PHE D 122 13.25 -13.71 -53.80
CA PHE D 122 12.36 -12.82 -54.54
C PHE D 122 12.91 -12.50 -55.93
N PRO D 123 12.00 -12.36 -56.93
CA PRO D 123 12.32 -12.04 -58.32
C PRO D 123 12.21 -10.53 -58.57
N PRO D 124 13.16 -9.96 -59.31
CA PRO D 124 13.18 -8.53 -59.62
C PRO D 124 11.77 -7.99 -59.88
N SER D 125 11.38 -6.96 -59.14
CA SER D 125 10.06 -6.36 -59.32
C SER D 125 9.92 -5.85 -60.75
N SER D 126 8.69 -5.70 -61.22
CA SER D 126 8.46 -5.21 -62.56
C SER D 126 9.07 -3.83 -62.70
N GLU D 127 8.84 -3.00 -61.69
CA GLU D 127 9.34 -1.64 -61.64
C GLU D 127 10.85 -1.55 -61.79
N GLN D 128 11.56 -2.51 -61.20
CA GLN D 128 13.02 -2.52 -61.26
C GLN D 128 13.51 -2.86 -62.66
N LEU D 129 12.89 -3.86 -63.28
CA LEU D 129 13.28 -4.26 -64.63
C LEU D 129 12.98 -3.15 -65.62
N THR D 130 11.83 -2.50 -65.43
CA THR D 130 11.40 -1.39 -66.30
C THR D 130 12.54 -0.42 -66.54
N SER D 131 13.06 0.16 -65.46
CA SER D 131 14.15 1.12 -65.57
C SER D 131 15.48 0.46 -65.92
N GLY D 132 15.41 -0.73 -66.53
CA GLY D 132 16.61 -1.43 -66.92
C GLY D 132 17.47 -1.83 -65.73
N GLY D 133 17.48 -3.12 -65.42
CA GLY D 133 18.26 -3.61 -64.30
C GLY D 133 17.52 -4.70 -63.54
N ALA D 134 18.23 -5.73 -63.12
CA ALA D 134 17.62 -6.83 -62.38
C ALA D 134 18.47 -7.32 -61.22
N SER D 135 17.92 -7.28 -60.02
CA SER D 135 18.63 -7.74 -58.83
C SER D 135 17.77 -8.74 -58.07
N VAL D 136 18.28 -9.95 -57.90
CA VAL D 136 17.55 -10.99 -57.20
C VAL D 136 17.97 -11.02 -55.72
N VAL D 137 16.99 -10.97 -54.84
CA VAL D 137 17.22 -10.95 -53.41
C VAL D 137 16.60 -12.08 -52.61
N CYS D 138 17.36 -12.63 -51.69
CA CYS D 138 16.88 -13.68 -50.82
C CYS D 138 17.35 -13.45 -49.38
N PHE D 139 16.42 -13.62 -48.46
CA PHE D 139 16.68 -13.44 -47.04
C PHE D 139 16.92 -14.78 -46.34
N LEU D 140 17.77 -14.74 -45.33
CA LEU D 140 18.11 -15.90 -44.51
C LEU D 140 17.96 -15.32 -43.11
N ASN D 141 16.74 -15.39 -42.56
CA ASN D 141 16.45 -14.79 -41.26
C ASN D 141 16.30 -15.67 -40.01
N ASN D 142 16.80 -15.14 -38.90
CA ASN D 142 16.75 -15.77 -37.56
C ASN D 142 17.46 -17.11 -37.38
N PHE D 143 18.75 -17.14 -37.70
CA PHE D 143 19.53 -18.35 -37.53
C PHE D 143 20.59 -18.15 -36.44
N TYR D 144 21.20 -19.25 -35.99
CA TYR D 144 22.24 -19.20 -34.97
C TYR D 144 23.05 -20.49 -34.98
N PRO D 145 24.39 -20.38 -34.96
CA PRO D 145 25.26 -19.20 -34.93
C PRO D 145 25.17 -18.33 -36.18
N LYS D 146 26.05 -17.32 -36.26
CA LYS D 146 26.06 -16.42 -37.39
C LYS D 146 26.92 -16.99 -38.52
N ASP D 147 27.66 -18.05 -38.21
CA ASP D 147 28.52 -18.68 -39.21
C ASP D 147 27.66 -19.34 -40.29
N ILE D 148 27.79 -18.86 -41.52
CA ILE D 148 27.02 -19.40 -42.64
C ILE D 148 27.63 -18.99 -43.98
N ASN D 149 27.32 -19.76 -45.01
CA ASN D 149 27.83 -19.49 -46.36
C ASN D 149 26.72 -19.62 -47.39
N VAL D 150 26.60 -18.62 -48.25
CA VAL D 150 25.57 -18.61 -49.29
C VAL D 150 26.19 -18.67 -50.69
N LYS D 151 25.57 -19.42 -51.58
CA LYS D 151 26.05 -19.57 -52.95
C LYS D 151 24.94 -19.37 -53.98
N TRP D 152 25.25 -18.67 -55.06
CA TRP D 152 24.27 -18.43 -56.12
C TRP D 152 24.52 -19.32 -57.33
N LYS D 153 23.45 -19.86 -57.91
CA LYS D 153 23.56 -20.72 -59.08
C LYS D 153 22.66 -20.24 -60.21
N ILE D 154 23.24 -19.58 -61.21
CA ILE D 154 22.47 -19.12 -62.35
C ILE D 154 22.38 -20.28 -63.33
N ASP D 155 21.17 -20.85 -63.44
CA ASP D 155 20.94 -22.01 -64.30
C ASP D 155 21.79 -23.17 -63.82
N GLY D 156 21.86 -23.32 -62.49
CA GLY D 156 22.64 -24.38 -61.90
C GLY D 156 24.13 -24.26 -62.14
N SER D 157 24.62 -23.02 -62.20
CA SER D 157 26.04 -22.78 -62.43
C SER D 157 26.65 -21.82 -61.43
N GLU D 158 27.98 -21.88 -61.32
CA GLU D 158 28.74 -21.01 -60.42
C GLU D 158 28.45 -19.56 -60.80
N ARG D 159 28.34 -18.68 -59.81
CA ARG D 159 28.08 -17.28 -60.10
C ARG D 159 29.04 -16.30 -59.43
N GLN D 160 28.71 -15.89 -58.21
CA GLN D 160 29.53 -14.92 -57.48
C GLN D 160 29.55 -13.64 -58.30
N ASN D 161 30.74 -13.08 -58.49
CA ASN D 161 30.92 -11.88 -59.29
C ASN D 161 30.12 -10.69 -58.78
N GLY D 162 28.82 -10.65 -59.12
CA GLY D 162 27.99 -9.55 -58.69
C GLY D 162 27.01 -9.87 -57.57
N VAL D 163 27.54 -10.28 -56.42
CA VAL D 163 26.69 -10.62 -55.28
C VAL D 163 27.12 -9.91 -54.00
N LEU D 164 26.21 -9.11 -53.45
CA LEU D 164 26.45 -8.38 -52.20
C LEU D 164 25.71 -9.04 -51.05
N ASN D 165 26.36 -9.12 -49.90
CA ASN D 165 25.76 -9.73 -48.70
C ASN D 165 25.77 -8.75 -47.53
N SER D 166 24.74 -8.82 -46.70
CA SER D 166 24.63 -7.91 -45.56
C SER D 166 24.01 -8.58 -44.32
N TRP D 167 24.79 -8.61 -43.24
CA TRP D 167 24.37 -9.21 -41.97
C TRP D 167 23.90 -8.18 -40.97
N THR D 168 23.00 -8.58 -40.07
CA THR D 168 22.54 -7.69 -39.03
C THR D 168 23.32 -8.06 -37.77
N ASP D 169 23.01 -7.41 -36.66
CA ASP D 169 23.68 -7.73 -35.41
C ASP D 169 22.80 -8.70 -34.66
N GLN D 170 23.38 -9.37 -33.65
CA GLN D 170 22.60 -10.30 -32.86
C GLN D 170 21.35 -9.55 -32.41
N ASP D 171 20.19 -10.06 -32.78
CA ASP D 171 18.94 -9.42 -32.41
C ASP D 171 18.96 -9.10 -30.93
N SER D 172 18.14 -8.14 -30.50
CA SER D 172 18.08 -7.75 -29.09
C SER D 172 17.07 -8.60 -28.32
N LYS D 173 16.20 -9.27 -29.07
CA LYS D 173 15.16 -10.13 -28.50
C LYS D 173 15.46 -11.62 -28.69
N ASP D 174 15.42 -12.10 -29.93
CA ASP D 174 15.66 -13.51 -30.26
C ASP D 174 17.10 -13.96 -30.08
N SER D 175 18.03 -13.01 -30.02
CA SER D 175 19.45 -13.33 -29.91
C SER D 175 19.92 -14.03 -31.18
N THR D 176 19.08 -13.98 -32.22
CA THR D 176 19.38 -14.60 -33.50
C THR D 176 20.01 -13.62 -34.48
N TYR D 177 20.48 -14.15 -35.61
CA TYR D 177 21.10 -13.36 -36.65
C TYR D 177 20.26 -13.44 -37.92
N SER D 178 20.45 -12.50 -38.83
CA SER D 178 19.74 -12.47 -40.09
C SER D 178 20.68 -11.98 -41.17
N MET D 179 20.46 -12.40 -42.40
CA MET D 179 21.31 -11.97 -43.50
C MET D 179 20.51 -11.64 -44.73
N SER D 180 21.13 -10.89 -45.63
CA SER D 180 20.51 -10.48 -46.87
C SER D 180 21.49 -10.75 -48.01
N SER D 181 21.06 -11.54 -48.99
CA SER D 181 21.91 -11.84 -50.12
C SER D 181 21.27 -11.22 -51.37
N THR D 182 22.05 -10.42 -52.09
CA THR D 182 21.56 -9.77 -53.30
C THR D 182 22.47 -9.99 -54.50
N LEU D 183 21.86 -10.39 -55.61
CA LEU D 183 22.59 -10.61 -56.84
C LEU D 183 22.10 -9.56 -57.83
N THR D 184 23.00 -8.64 -58.20
CA THR D 184 22.65 -7.57 -59.12
C THR D 184 23.21 -7.82 -60.52
N LEU D 185 22.31 -7.83 -61.51
CA LEU D 185 22.70 -8.06 -62.89
C LEU D 185 21.86 -7.26 -63.88
N THR D 186 22.41 -7.06 -65.08
CA THR D 186 21.72 -6.30 -66.13
C THR D 186 20.40 -6.96 -66.54
N LYS D 187 19.44 -6.14 -66.94
CA LYS D 187 18.14 -6.64 -67.36
C LYS D 187 18.36 -7.68 -68.46
N ASP D 188 19.48 -7.56 -69.17
CA ASP D 188 19.83 -8.49 -70.24
C ASP D 188 20.24 -9.84 -69.68
N GLU D 189 21.18 -9.83 -68.75
CA GLU D 189 21.67 -11.04 -68.11
C GLU D 189 20.51 -11.83 -67.50
N TYR D 190 19.64 -11.14 -66.78
CA TYR D 190 18.50 -11.79 -66.15
C TYR D 190 17.60 -12.45 -67.19
N GLU D 191 17.14 -11.67 -68.17
CA GLU D 191 16.26 -12.18 -69.21
C GLU D 191 16.76 -13.48 -69.86
N ARG D 192 18.07 -13.58 -70.03
CA ARG D 192 18.68 -14.76 -70.65
C ARG D 192 18.33 -16.04 -69.87
N HIS D 193 19.08 -16.29 -68.80
CA HIS D 193 18.89 -17.47 -67.97
C HIS D 193 17.47 -17.48 -67.39
N ASN D 194 17.13 -18.52 -66.63
CA ASN D 194 15.81 -18.60 -66.02
C ASN D 194 15.73 -19.47 -64.77
N GLY D 195 16.86 -20.04 -64.37
CA GLY D 195 16.88 -20.89 -63.18
C GLY D 195 17.84 -20.38 -62.12
N TYR D 196 17.38 -19.45 -61.29
CA TYR D 196 18.23 -18.89 -60.24
C TYR D 196 18.09 -19.63 -58.92
N THR D 197 19.23 -19.91 -58.29
CA THR D 197 19.28 -20.64 -57.02
C THR D 197 20.07 -19.97 -55.90
N CYS D 198 19.36 -19.60 -54.84
CA CYS D 198 19.96 -18.98 -53.65
C CYS D 198 20.19 -20.12 -52.66
N GLU D 199 21.44 -20.55 -52.51
CA GLU D 199 21.76 -21.66 -51.61
C GLU D 199 22.50 -21.26 -50.35
N ALA D 200 21.97 -21.67 -49.19
CA ALA D 200 22.59 -21.36 -47.91
C ALA D 200 22.80 -22.62 -47.08
N THR D 201 24.07 -23.02 -46.92
CA THR D 201 24.40 -24.21 -46.15
C THR D 201 25.00 -23.86 -44.80
N HIS D 202 24.17 -23.94 -43.76
CA HIS D 202 24.61 -23.66 -42.40
C HIS D 202 25.08 -25.00 -41.85
N LYS D 203 24.42 -25.46 -40.79
CA LYS D 203 24.76 -26.76 -40.19
C LYS D 203 23.61 -27.27 -39.33
N THR D 204 22.44 -27.33 -39.95
CA THR D 204 21.22 -27.79 -39.29
C THR D 204 20.65 -28.97 -40.08
N SER D 205 21.08 -30.18 -39.72
CA SER D 205 20.64 -31.42 -40.38
C SER D 205 21.36 -31.64 -41.71
N THR D 206 22.48 -30.93 -41.90
CA THR D 206 23.30 -31.00 -43.11
C THR D 206 22.47 -30.97 -44.40
N SER D 207 21.31 -30.32 -44.34
CA SER D 207 20.44 -30.23 -45.52
C SER D 207 20.42 -28.81 -46.11
N PRO D 208 21.40 -28.49 -46.97
CA PRO D 208 21.50 -27.19 -47.61
C PRO D 208 20.14 -26.56 -47.94
N ILE D 209 19.85 -25.44 -47.28
CA ILE D 209 18.59 -24.75 -47.49
C ILE D 209 18.59 -24.04 -48.84
N VAL D 210 18.39 -24.82 -49.89
CA VAL D 210 18.36 -24.31 -51.26
C VAL D 210 16.99 -23.74 -51.62
N LYS D 211 16.98 -22.49 -52.08
CA LYS D 211 15.73 -21.82 -52.47
C LYS D 211 15.91 -21.28 -53.89
N SER D 212 14.93 -21.50 -54.76
CA SER D 212 15.05 -21.05 -56.15
C SER D 212 13.72 -20.71 -56.81
N PHE D 213 13.77 -20.53 -58.13
CA PHE D 213 12.59 -20.20 -58.92
C PHE D 213 12.90 -20.31 -60.41
N ASN D 214 11.91 -20.00 -61.25
CA ASN D 214 12.08 -20.05 -62.71
C ASN D 214 11.48 -18.82 -63.39
C1 SPB E . -40.49 -6.44 37.11
C2 SPB E . -39.24 -5.93 37.53
C3 SPB E . -38.16 -6.82 37.80
C4 SPB E . -38.32 -8.21 37.63
C5 SPB E . -39.56 -8.71 37.21
C6 SPB E . -40.64 -7.83 36.95
C7 SPB E . -41.96 -8.36 36.51
C8 SPB E . -42.26 -9.65 36.25
C9 SPB E . -43.62 -10.07 35.81
C10 SPB E . -44.65 -9.11 35.74
C11 SPB E . -45.93 -9.49 35.33
C12 SPB E . -46.23 -10.84 34.99
C13 SPB E . -45.19 -11.82 35.05
C14 SPB E . -43.87 -11.42 35.47
N15 SPB E . -47.61 -11.07 34.60
C16 SPB E . -48.42 -12.12 34.58
C17 SPB E . -49.68 -11.96 33.74
C18 SPB E . -50.91 -12.60 34.28
C19 SPB E . -52.06 -12.43 33.35
C20 SPB E . -53.30 -13.05 33.92
O21 SPB E . -54.13 -12.07 34.43
O22 SPB E . -48.21 -13.18 35.13
O23 SPB E . -53.48 -14.25 33.99
C1 SPB F . 33.38 8.94 -25.35
C2 SPB F . 32.25 8.54 -26.12
C3 SPB F . 31.66 9.46 -27.03
C4 SPB F . 32.19 10.76 -27.18
C5 SPB F . 33.28 11.16 -26.41
C6 SPB F . 33.89 10.24 -25.51
C7 SPB F . 35.07 10.69 -24.68
C8 SPB F . 35.69 11.87 -24.83
C9 SPB F . 36.86 12.33 -24.01
C10 SPB F . 37.45 11.43 -23.07
C11 SPB F . 38.54 11.83 -22.29
C12 SPB F . 39.08 13.14 -22.40
C13 SPB F . 38.51 14.05 -23.34
C14 SPB F . 37.40 13.63 -24.16
N15 SPB F . 40.18 13.41 -21.50
C16 SPB F . 40.95 14.44 -21.19
C17 SPB F . 42.05 14.12 -20.17
C18 SPB F . 42.58 15.30 -19.41
C19 SPB F . 43.68 14.90 -18.47
C20 SPB F . 44.23 16.07 -17.72
O21 SPB F . 44.45 15.77 -16.40
O22 SPB F . 40.86 15.58 -21.64
O23 SPB F . 44.37 17.16 -18.22
#